data_7TAK
#
_entry.id   7TAK
#
_cell.length_a   131.713
_cell.length_b   135.993
_cell.length_c   79.169
_cell.angle_alpha   90.00
_cell.angle_beta   90.00
_cell.angle_gamma   90.00
#
_symmetry.space_group_name_H-M   'P 21 21 2'
#
loop_
_entity.id
_entity.type
_entity.pdbx_description
1 polymer 'Putative membrane protein PurT'
2 non-polymer GUANINE
3 water water
#
_entity_poly.entity_id   1
_entity_poly.type   'polypeptide(L)'
_entity_poly.pdbx_seq_one_letter_code
;MQFIKRAHGEEQPYWPAGPFKIRLPFVHYRWELPEMIQGFFMFVVGLAMIPLLESYLGMPYEAALAFTFVAGVGYILPAL
LGVPLVPGWITPAIPVVLLYLKGFEPGPEAIRALFALQIEVAIIFLILGATRLGSKLVDVIPNSLKCGIIIGAGMAAMMG
ELKIGGRIDATPISLIVGSIISAYILFSLSFKNVINENSFARKIANFGMVPGMIIAMLVGWTVGEYPLPDIKWGITNPDF
SLMWQYLPFTVGYPDWEIFLLAIPTALIAYVIAFGDILVGFTLVNRVDHIRKDEKIEENVDRVHLVTAIRNGFHAFLAPW
PGLAGPLWTAAHATVAERYAMGRKSMESIYSGGGTFWMSGLLALFALPLVTLFKPVLPIALSLTLVLTAYICIMVGMEQL
KNSTERGVAGIVAVTLAMPDPKSTMYAVCIGVILYFLIERPRLMGKHNSEDNIIFADETQEEVAVTNSNNT
;
_entity_poly.pdbx_strand_id   A,B
#
loop_
_chem_comp.id
_chem_comp.type
_chem_comp.name
_chem_comp.formula
GUN non-polymer GUANINE 'C5 H5 N5 O'
#
# COMPACT_ATOMS: atom_id res chain seq x y z
N MET A 1 32.44 -15.42 28.25
CA MET A 1 33.78 -15.35 27.66
C MET A 1 33.81 -14.58 26.34
N GLN A 2 34.88 -13.82 26.19
CA GLN A 2 35.07 -12.93 25.05
C GLN A 2 36.54 -12.52 25.04
N PHE A 3 37.31 -13.01 24.07
CA PHE A 3 38.76 -12.77 24.02
C PHE A 3 39.09 -11.29 23.89
N ILE A 4 38.56 -10.63 22.87
CA ILE A 4 38.86 -9.22 22.67
C ILE A 4 37.68 -8.34 23.05
N LYS A 5 37.89 -7.40 23.98
CA LYS A 5 36.83 -6.47 24.39
C LYS A 5 37.02 -5.13 23.71
N ARG A 6 35.95 -4.33 23.64
CA ARG A 6 36.01 -3.07 22.91
C ARG A 6 36.31 -1.88 23.79
N ALA A 7 37.25 -1.04 23.35
CA ALA A 7 37.55 0.21 24.04
C ALA A 7 36.45 1.24 23.75
N HIS A 8 36.04 1.97 24.79
CA HIS A 8 34.90 2.87 24.69
C HIS A 8 35.03 3.95 23.61
N GLY A 9 34.10 3.95 22.67
CA GLY A 9 34.08 4.95 21.62
C GLY A 9 34.76 4.47 20.36
N GLU A 10 35.30 3.25 20.44
CA GLU A 10 35.97 2.64 19.29
C GLU A 10 35.10 1.65 18.55
N GLU A 11 35.60 1.22 17.39
CA GLU A 11 34.96 0.22 16.58
C GLU A 11 35.19 -1.15 17.22
N GLN A 12 34.24 -2.07 17.04
CA GLN A 12 34.35 -3.42 17.57
C GLN A 12 35.57 -4.14 17.04
N PRO A 13 36.26 -4.90 17.91
CA PRO A 13 37.43 -5.66 17.51
C PRO A 13 37.18 -6.53 16.28
N TYR A 14 38.19 -6.66 15.42
CA TYR A 14 38.06 -7.42 14.19
C TYR A 14 39.43 -7.81 13.64
N TRP A 15 39.44 -8.66 12.63
CA TRP A 15 40.66 -8.97 11.87
C TRP A 15 40.49 -8.41 10.47
N PRO A 16 41.40 -7.52 10.05
CA PRO A 16 41.33 -6.99 8.68
C PRO A 16 41.44 -8.10 7.64
N ALA A 17 40.59 -8.05 6.61
CA ALA A 17 40.58 -9.07 5.57
C ALA A 17 40.19 -8.49 4.21
N GLY A 18 40.76 -7.35 3.86
CA GLY A 18 40.49 -6.73 2.58
C GLY A 18 39.27 -5.83 2.62
N PRO A 19 38.26 -6.13 1.80
CA PRO A 19 37.06 -5.32 1.87
C PRO A 19 36.20 -5.71 3.08
N PHE A 20 36.59 -6.80 3.74
CA PHE A 20 35.85 -7.31 4.90
C PHE A 20 36.60 -7.16 6.23
N LYS A 21 35.82 -7.05 7.30
CA LYS A 21 36.35 -7.06 8.65
C LYS A 21 35.81 -8.26 9.42
N ILE A 22 36.64 -9.28 9.60
CA ILE A 22 36.21 -10.58 10.16
C ILE A 22 35.97 -10.55 11.67
N ARG A 23 34.81 -11.04 12.10
CA ARG A 23 34.52 -11.18 13.53
C ARG A 23 33.90 -12.54 13.81
N LEU A 24 34.42 -13.22 14.81
CA LEU A 24 33.85 -14.50 15.22
C LEU A 24 33.19 -14.31 16.59
N PRO A 25 32.18 -15.13 16.89
CA PRO A 25 31.57 -15.01 18.23
C PRO A 25 32.55 -15.53 19.28
N PHE A 26 32.42 -15.05 20.51
CA PHE A 26 33.33 -15.38 21.62
C PHE A 26 34.76 -14.83 21.44
N VAL A 27 35.17 -14.56 20.21
CA VAL A 27 36.50 -13.99 19.96
C VAL A 27 36.41 -12.46 19.88
N HIS A 28 35.51 -11.94 19.06
CA HIS A 28 35.46 -10.50 18.84
C HIS A 28 34.26 -9.84 19.51
N TYR A 29 33.25 -10.62 19.84
CA TYR A 29 32.07 -10.12 20.52
C TYR A 29 31.47 -11.20 21.41
N ARG A 30 30.73 -10.77 22.44
CA ARG A 30 30.19 -11.71 23.40
C ARG A 30 28.95 -12.41 22.86
N TRP A 31 28.55 -13.48 23.53
CA TRP A 31 27.44 -14.30 23.10
C TRP A 31 26.17 -13.89 23.81
N GLU A 32 25.27 -13.21 23.11
CA GLU A 32 24.09 -12.64 23.74
C GLU A 32 23.00 -13.68 24.00
N LEU A 33 22.73 -13.95 25.27
CA LEU A 33 21.68 -14.90 25.66
C LEU A 33 20.28 -14.57 25.09
N PRO A 34 19.87 -13.29 25.11
CA PRO A 34 18.59 -13.00 24.45
C PRO A 34 18.55 -13.34 22.97
N GLU A 35 19.59 -13.00 22.19
CA GLU A 35 19.57 -13.35 20.77
C GLU A 35 19.80 -14.83 20.53
N MET A 36 20.32 -15.53 21.55
CA MET A 36 20.46 -16.97 21.44
C MET A 36 19.07 -17.56 21.49
N ILE A 37 18.36 -17.25 22.57
CA ILE A 37 16.98 -17.70 22.75
C ILE A 37 16.10 -17.28 21.55
N GLN A 38 16.28 -16.06 21.05
CA GLN A 38 15.46 -15.56 19.94
C GLN A 38 15.68 -16.36 18.65
N GLY A 39 16.94 -16.58 18.28
CA GLY A 39 17.26 -17.35 17.10
C GLY A 39 16.92 -18.82 17.23
N PHE A 40 16.89 -19.32 18.46
CA PHE A 40 16.49 -20.70 18.70
C PHE A 40 15.01 -20.88 18.37
N PHE A 41 14.25 -19.79 18.38
CA PHE A 41 12.84 -19.87 18.02
C PHE A 41 12.57 -19.24 16.66
N MET A 42 13.14 -18.05 16.41
CA MET A 42 12.76 -17.27 15.25
C MET A 42 13.42 -17.72 13.96
N PHE A 43 14.12 -18.83 13.97
CA PHE A 43 14.71 -19.36 12.74
C PHE A 43 13.61 -19.99 11.90
N VAL A 44 12.41 -20.07 12.47
CA VAL A 44 11.23 -20.57 11.78
C VAL A 44 10.97 -19.77 10.50
N VAL A 45 11.27 -18.47 10.52
CA VAL A 45 11.06 -17.65 9.33
C VAL A 45 12.01 -18.13 8.23
N GLY A 46 13.19 -18.60 8.64
CA GLY A 46 14.09 -19.22 7.69
C GLY A 46 13.53 -20.49 7.07
N LEU A 47 12.81 -21.28 7.86
CA LEU A 47 12.21 -22.49 7.36
C LEU A 47 10.95 -22.20 6.55
N ALA A 48 10.42 -20.98 6.66
CA ALA A 48 9.13 -20.67 6.05
C ALA A 48 9.23 -20.46 4.53
N MET A 49 10.44 -20.52 3.97
CA MET A 49 10.60 -20.46 2.53
C MET A 49 10.21 -21.82 1.91
N ILE A 50 10.34 -22.88 2.70
CA ILE A 50 10.04 -24.25 2.29
C ILE A 50 8.76 -24.45 1.46
N PRO A 51 7.63 -23.88 1.88
CA PRO A 51 6.45 -24.09 1.02
C PRO A 51 6.64 -23.51 -0.40
N LEU A 52 7.29 -22.36 -0.50
CA LEU A 52 7.53 -21.72 -1.78
C LEU A 52 8.43 -22.62 -2.64
N LEU A 53 9.45 -23.20 -2.03
CA LEU A 53 10.32 -24.16 -2.70
C LEU A 53 9.52 -25.38 -3.21
N GLU A 54 8.62 -25.88 -2.38
CA GLU A 54 7.83 -27.03 -2.76
C GLU A 54 6.90 -26.66 -3.93
N SER A 55 6.22 -25.54 -3.74
CA SER A 55 5.19 -25.06 -4.66
C SER A 55 5.75 -24.63 -6.02
N TYR A 56 6.67 -23.66 -6.01
CA TYR A 56 7.10 -23.03 -7.26
C TYR A 56 8.26 -23.78 -7.93
N LEU A 57 9.04 -24.52 -7.16
CA LEU A 57 10.21 -25.22 -7.71
C LEU A 57 10.02 -26.74 -7.80
N GLY A 58 8.87 -27.23 -7.34
CA GLY A 58 8.51 -28.63 -7.45
C GLY A 58 9.43 -29.62 -6.73
N MET A 59 9.90 -29.27 -5.54
CA MET A 59 10.80 -30.16 -4.82
C MET A 59 10.17 -30.68 -3.53
N PRO A 60 10.57 -31.90 -3.11
CA PRO A 60 10.02 -32.54 -1.92
C PRO A 60 10.51 -31.81 -0.68
N TYR A 61 9.80 -31.97 0.43
CA TYR A 61 10.11 -31.27 1.67
C TYR A 61 11.60 -31.33 2.05
N GLU A 62 12.17 -32.53 2.03
CA GLU A 62 13.55 -32.76 2.48
C GLU A 62 14.59 -32.06 1.62
N ALA A 63 14.36 -32.00 0.32
CA ALA A 63 15.27 -31.25 -0.52
C ALA A 63 15.21 -29.79 -0.11
N ALA A 64 13.98 -29.29 0.12
CA ALA A 64 13.73 -27.92 0.57
C ALA A 64 14.32 -27.63 1.96
N LEU A 65 14.24 -28.60 2.86
CA LEU A 65 14.82 -28.45 4.20
C LEU A 65 16.33 -28.24 4.11
N ALA A 66 16.99 -29.04 3.28
CA ALA A 66 18.42 -28.93 3.07
C ALA A 66 18.79 -27.54 2.52
N PHE A 67 17.98 -27.02 1.59
CA PHE A 67 18.17 -25.66 1.07
C PHE A 67 18.29 -24.64 2.22
N THR A 68 17.44 -24.77 3.23
CA THR A 68 17.44 -23.85 4.36
C THR A 68 18.73 -23.90 5.20
N PHE A 69 19.52 -24.97 5.07
CA PHE A 69 20.86 -25.07 5.67
C PHE A 69 21.88 -24.23 4.91
N VAL A 70 21.73 -24.23 3.59
CA VAL A 70 22.55 -23.38 2.74
C VAL A 70 22.24 -21.91 3.02
N ALA A 71 20.96 -21.59 3.21
CA ALA A 71 20.56 -20.22 3.47
C ALA A 71 21.03 -19.82 4.85
N GLY A 72 20.98 -20.77 5.78
CA GLY A 72 21.35 -20.55 7.16
C GLY A 72 22.81 -20.16 7.37
N VAL A 73 23.69 -20.85 6.64
CA VAL A 73 25.10 -20.47 6.57
C VAL A 73 25.21 -19.07 5.95
N GLY A 74 24.46 -18.82 4.89
CA GLY A 74 24.46 -17.50 4.27
C GLY A 74 24.08 -16.37 5.20
N TYR A 75 23.17 -16.62 6.14
CA TYR A 75 22.72 -15.55 7.04
C TYR A 75 23.80 -15.11 8.02
N ILE A 76 24.85 -15.90 8.20
CA ILE A 76 25.90 -15.55 9.17
C ILE A 76 27.04 -14.80 8.51
N LEU A 77 27.02 -14.68 7.18
CA LEU A 77 28.09 -13.96 6.47
C LEU A 77 28.17 -12.45 6.79
N PRO A 78 27.02 -11.74 6.93
CA PRO A 78 27.20 -10.33 7.27
C PRO A 78 27.97 -10.06 8.56
N ALA A 79 27.59 -10.68 9.67
CA ALA A 79 28.27 -10.39 10.95
C ALA A 79 29.65 -11.03 10.96
N LEU A 80 29.84 -12.03 10.11
CA LEU A 80 31.13 -12.66 9.98
C LEU A 80 32.05 -11.74 9.17
N LEU A 81 31.48 -10.94 8.28
CA LEU A 81 32.28 -10.15 7.33
C LEU A 81 32.17 -8.63 7.52
N GLY A 82 31.54 -8.21 8.61
CA GLY A 82 31.44 -6.80 8.94
C GLY A 82 30.28 -6.02 8.33
N VAL A 83 29.07 -6.54 8.50
CA VAL A 83 27.87 -5.87 8.03
C VAL A 83 26.87 -5.83 9.18
N PRO A 84 26.54 -4.62 9.65
CA PRO A 84 25.72 -4.52 10.85
C PRO A 84 24.23 -4.68 10.52
N LEU A 85 23.96 -4.98 9.25
CA LEU A 85 22.59 -5.18 8.77
C LEU A 85 22.22 -6.64 8.90
N VAL A 86 21.31 -6.95 9.83
CA VAL A 86 20.80 -8.31 9.99
C VAL A 86 20.21 -8.79 8.66
N PRO A 87 20.78 -9.83 8.05
CA PRO A 87 20.39 -10.23 6.70
C PRO A 87 19.08 -11.04 6.57
N GLY A 88 18.61 -11.20 5.34
CA GLY A 88 17.41 -11.98 5.06
C GLY A 88 17.11 -12.07 3.57
N TRP A 89 15.83 -11.95 3.23
CA TRP A 89 15.35 -11.99 1.84
C TRP A 89 15.04 -10.59 1.27
N ILE A 90 14.72 -10.55 -0.02
CA ILE A 90 14.23 -9.33 -0.68
C ILE A 90 12.72 -9.42 -0.73
N THR A 91 12.15 -9.17 0.41
CA THR A 91 10.80 -9.65 0.72
C THR A 91 9.67 -8.96 -0.02
N PRO A 92 9.72 -7.63 -0.17
CA PRO A 92 8.74 -7.03 -1.09
C PRO A 92 8.89 -7.45 -2.57
N ALA A 93 9.99 -8.10 -2.94
CA ALA A 93 10.20 -8.56 -4.31
C ALA A 93 9.72 -10.00 -4.48
N ILE A 94 9.25 -10.63 -3.39
CA ILE A 94 8.74 -12.00 -3.52
C ILE A 94 7.58 -12.14 -4.53
N PRO A 95 6.54 -11.26 -4.49
CA PRO A 95 5.43 -11.44 -5.45
C PRO A 95 5.94 -11.42 -6.87
N VAL A 96 6.88 -10.52 -7.09
CA VAL A 96 7.45 -10.25 -8.38
C VAL A 96 8.19 -11.50 -8.84
N VAL A 97 8.96 -12.09 -7.94
CA VAL A 97 9.76 -13.26 -8.31
C VAL A 97 8.86 -14.48 -8.51
N LEU A 98 7.85 -14.63 -7.65
CA LEU A 98 6.84 -15.67 -7.86
C LEU A 98 6.14 -15.50 -9.20
N LEU A 99 5.82 -14.27 -9.55
CA LEU A 99 5.20 -13.96 -10.86
C LEU A 99 6.10 -14.38 -12.02
N TYR A 100 7.39 -14.23 -11.80
CA TYR A 100 8.38 -14.59 -12.77
C TYR A 100 8.46 -16.08 -12.87
N LEU A 101 8.47 -16.74 -11.71
CA LEU A 101 8.66 -18.18 -11.65
C LEU A 101 7.41 -18.86 -12.18
N LYS A 102 6.27 -18.25 -11.88
CA LYS A 102 4.93 -18.71 -12.28
C LYS A 102 4.77 -18.95 -13.80
N GLY A 103 5.75 -18.55 -14.59
CA GLY A 103 5.70 -18.78 -16.03
C GLY A 103 6.59 -19.94 -16.43
N PHE A 104 7.00 -20.74 -15.46
CA PHE A 104 7.79 -21.92 -15.76
C PHE A 104 7.15 -23.09 -15.04
N GLU A 105 7.34 -24.29 -15.59
CA GLU A 105 6.80 -25.50 -14.98
C GLU A 105 7.50 -25.73 -13.64
N PRO A 106 6.72 -25.79 -12.54
CA PRO A 106 7.35 -26.08 -11.26
C PRO A 106 8.18 -27.36 -11.27
N GLY A 107 9.47 -27.20 -10.95
CA GLY A 107 10.46 -28.25 -11.16
C GLY A 107 11.76 -27.73 -11.79
N PRO A 108 12.47 -28.62 -12.50
CA PRO A 108 13.76 -28.29 -13.13
C PRO A 108 13.74 -27.02 -13.99
N GLU A 109 12.72 -26.86 -14.83
CA GLU A 109 12.58 -25.64 -15.63
C GLU A 109 12.59 -24.36 -14.76
N ALA A 110 11.83 -24.37 -13.67
CA ALA A 110 11.73 -23.20 -12.80
C ALA A 110 13.01 -22.97 -12.00
N ILE A 111 13.72 -24.06 -11.67
CA ILE A 111 14.98 -23.96 -10.95
C ILE A 111 16.03 -23.31 -11.84
N ARG A 112 16.05 -23.71 -13.11
CA ARG A 112 16.93 -23.06 -14.08
C ARG A 112 16.59 -21.58 -14.24
N ALA A 113 15.31 -21.26 -14.19
CA ALA A 113 14.89 -19.87 -14.32
C ALA A 113 15.38 -19.09 -13.12
N LEU A 114 15.15 -19.64 -11.92
CA LEU A 114 15.46 -18.96 -10.65
C LEU A 114 16.96 -18.81 -10.48
N PHE A 115 17.71 -19.72 -11.07
CA PHE A 115 19.16 -19.57 -11.13
C PHE A 115 19.58 -18.35 -11.90
N ALA A 116 19.00 -18.19 -13.08
CA ALA A 116 19.44 -17.10 -13.96
C ALA A 116 19.08 -15.79 -13.27
N LEU A 117 17.94 -15.80 -12.60
CA LEU A 117 17.51 -14.58 -11.96
C LEU A 117 18.43 -14.26 -10.77
N GLN A 118 18.84 -15.29 -10.03
CA GLN A 118 19.58 -15.01 -8.82
C GLN A 118 21.04 -14.67 -9.12
N ILE A 119 21.58 -15.27 -10.18
CA ILE A 119 22.95 -14.99 -10.59
C ILE A 119 22.95 -13.53 -11.04
N GLU A 120 21.88 -13.10 -11.70
CA GLU A 120 21.85 -11.73 -12.16
C GLU A 120 21.85 -10.75 -11.01
N VAL A 121 20.98 -10.97 -10.01
CA VAL A 121 20.90 -10.09 -8.85
C VAL A 121 22.24 -10.07 -8.14
N ALA A 122 22.86 -11.23 -8.04
CA ALA A 122 24.23 -11.30 -7.55
C ALA A 122 25.19 -10.42 -8.36
N ILE A 123 25.20 -10.55 -9.69
CA ILE A 123 26.09 -9.73 -10.55
C ILE A 123 25.84 -8.23 -10.30
N ILE A 124 24.57 -7.84 -10.21
CA ILE A 124 24.20 -6.45 -9.95
C ILE A 124 24.76 -5.99 -8.61
N PHE A 125 24.77 -6.88 -7.61
CA PHE A 125 25.27 -6.51 -6.31
C PHE A 125 26.77 -6.43 -6.38
N LEU A 126 27.37 -7.37 -7.10
CA LEU A 126 28.83 -7.39 -7.28
C LEU A 126 29.34 -6.14 -7.98
N ILE A 127 28.74 -5.79 -9.13
CA ILE A 127 29.24 -4.66 -9.91
C ILE A 127 29.03 -3.36 -9.16
N LEU A 128 27.83 -3.14 -8.63
CA LEU A 128 27.59 -1.91 -7.89
C LEU A 128 28.48 -1.83 -6.65
N GLY A 129 28.94 -2.98 -6.17
CA GLY A 129 29.73 -3.04 -4.95
C GLY A 129 31.23 -2.93 -5.17
N ALA A 130 31.71 -3.56 -6.23
CA ALA A 130 33.11 -3.48 -6.62
C ALA A 130 33.47 -2.09 -7.13
N THR A 131 32.64 -1.54 -8.00
CA THR A 131 32.87 -0.21 -8.55
C THR A 131 32.46 0.91 -7.59
N ARG A 132 32.15 0.54 -6.35
CA ARG A 132 31.71 1.48 -5.31
C ARG A 132 30.53 2.36 -5.70
N LEU A 133 29.79 1.95 -6.73
CA LEU A 133 28.66 2.73 -7.23
C LEU A 133 27.40 2.59 -6.37
N GLY A 134 27.42 1.64 -5.42
CA GLY A 134 26.33 1.44 -4.47
C GLY A 134 26.31 2.58 -3.47
N SER A 135 27.51 2.96 -3.02
CA SER A 135 27.69 4.12 -2.14
C SER A 135 27.24 5.40 -2.82
N LYS A 136 27.55 5.50 -4.12
CA LYS A 136 27.21 6.67 -4.93
C LYS A 136 25.71 6.90 -5.00
N LEU A 137 24.97 5.83 -5.31
CA LEU A 137 23.52 5.91 -5.46
C LEU A 137 22.83 6.33 -4.17
N VAL A 138 23.27 5.80 -3.04
CA VAL A 138 22.69 6.19 -1.75
C VAL A 138 22.79 7.70 -1.49
N ASP A 139 23.89 8.31 -1.93
CA ASP A 139 24.05 9.76 -1.79
C ASP A 139 23.31 10.52 -2.88
N VAL A 140 23.52 10.13 -4.13
CA VAL A 140 23.03 10.90 -5.27
C VAL A 140 21.50 10.82 -5.45
N ILE A 141 20.93 9.62 -5.36
CA ILE A 141 19.48 9.44 -5.51
C ILE A 141 18.73 10.39 -4.59
N PRO A 142 17.84 11.22 -5.16
CA PRO A 142 17.03 12.18 -4.39
C PRO A 142 16.25 11.50 -3.26
N ASN A 143 15.87 12.27 -2.25
CA ASN A 143 15.18 11.72 -1.10
C ASN A 143 13.78 11.23 -1.48
N SER A 144 13.11 11.99 -2.35
CA SER A 144 11.76 11.65 -2.79
C SER A 144 11.73 10.28 -3.44
N LEU A 145 12.71 10.00 -4.31
CA LEU A 145 12.81 8.67 -4.90
C LEU A 145 13.17 7.60 -3.87
N LYS A 146 14.05 7.92 -2.93
CA LYS A 146 14.42 6.96 -1.92
C LYS A 146 13.20 6.54 -1.10
N CYS A 147 12.38 7.52 -0.74
CA CYS A 147 11.21 7.24 0.10
C CYS A 147 10.11 6.57 -0.71
N GLY A 148 9.98 6.95 -1.97
CA GLY A 148 9.07 6.31 -2.90
C GLY A 148 9.38 4.83 -3.02
N ILE A 149 10.66 4.51 -3.13
CA ILE A 149 11.10 3.12 -3.17
C ILE A 149 10.72 2.40 -1.88
N ILE A 150 11.10 2.98 -0.74
CA ILE A 150 10.75 2.39 0.55
C ILE A 150 9.23 2.19 0.74
N ILE A 151 8.44 3.23 0.48
CA ILE A 151 6.99 3.12 0.63
C ILE A 151 6.45 2.13 -0.41
N GLY A 152 6.85 2.31 -1.67
CA GLY A 152 6.57 1.36 -2.72
C GLY A 152 6.82 -0.08 -2.30
N ALA A 153 8.05 -0.37 -1.88
CA ALA A 153 8.43 -1.71 -1.44
C ALA A 153 7.54 -2.21 -0.32
N GLY A 154 7.19 -1.32 0.60
CA GLY A 154 6.30 -1.69 1.69
C GLY A 154 4.93 -2.13 1.22
N MET A 155 4.37 -1.45 0.22
CA MET A 155 3.03 -1.78 -0.23
C MET A 155 3.03 -3.02 -1.10
N ALA A 156 4.10 -3.19 -1.90
CA ALA A 156 4.32 -4.41 -2.70
C ALA A 156 4.33 -5.67 -1.85
N ALA A 157 4.88 -5.53 -0.64
CA ALA A 157 4.95 -6.60 0.34
C ALA A 157 3.55 -7.10 0.76
N MET A 158 2.57 -6.21 0.83
CA MET A 158 1.23 -6.66 1.20
C MET A 158 0.49 -7.20 -0.01
N MET A 159 0.86 -6.79 -1.22
CA MET A 159 0.32 -7.45 -2.41
C MET A 159 0.89 -8.87 -2.42
N GLY A 160 1.94 -9.07 -1.64
CA GLY A 160 2.55 -10.38 -1.50
C GLY A 160 1.79 -11.31 -0.56
N GLU A 161 1.41 -10.83 0.62
CA GLU A 161 0.57 -11.65 1.52
C GLU A 161 -0.69 -12.16 0.80
N LEU A 162 -1.18 -11.36 -0.14
CA LEU A 162 -2.32 -11.73 -0.98
C LEU A 162 -1.94 -12.79 -2.02
N LYS A 163 -0.76 -12.62 -2.63
CA LYS A 163 -0.34 -13.47 -3.75
C LYS A 163 0.30 -14.80 -3.35
N ILE A 164 1.06 -14.84 -2.25
CA ILE A 164 1.73 -16.08 -1.80
C ILE A 164 0.70 -17.22 -1.63
N GLY A 165 -0.47 -16.86 -1.13
CA GLY A 165 -1.50 -17.80 -0.74
C GLY A 165 -2.28 -17.16 0.39
N PRO A 172 -7.64 -15.75 8.33
CA PRO A 172 -6.48 -16.34 9.00
C PRO A 172 -6.17 -15.60 10.30
N ILE A 173 -6.83 -15.99 11.39
CA ILE A 173 -6.69 -15.33 12.69
C ILE A 173 -5.25 -15.38 13.22
N SER A 174 -4.57 -16.49 12.93
CA SER A 174 -3.20 -16.71 13.32
C SER A 174 -2.38 -15.53 12.96
N LEU A 175 -2.54 -15.12 11.71
CA LEU A 175 -1.71 -14.08 11.12
C LEU A 175 -2.08 -12.71 11.66
N ILE A 176 -3.38 -12.48 11.90
CA ILE A 176 -3.83 -11.22 12.48
C ILE A 176 -3.25 -11.01 13.88
N VAL A 177 -3.37 -12.03 14.75
CA VAL A 177 -2.79 -11.98 16.09
C VAL A 177 -1.27 -11.83 16.00
N GLY A 178 -0.66 -12.68 15.20
CA GLY A 178 0.77 -12.61 14.93
C GLY A 178 1.19 -11.23 14.47
N SER A 179 0.46 -10.64 13.54
CA SER A 179 0.83 -9.34 13.01
C SER A 179 0.67 -8.19 13.97
N ILE A 180 -0.47 -8.13 14.66
CA ILE A 180 -0.78 -6.99 15.53
C ILE A 180 0.13 -6.97 16.76
N ILE A 181 0.21 -8.08 17.49
CA ILE A 181 1.13 -8.19 18.62
C ILE A 181 2.58 -7.91 18.18
N SER A 182 3.09 -8.63 17.18
CA SER A 182 4.44 -8.35 16.65
C SER A 182 4.66 -6.86 16.29
N ALA A 183 3.71 -6.24 15.59
CA ALA A 183 3.87 -4.82 15.26
C ALA A 183 3.70 -3.97 16.51
N TYR A 184 2.87 -4.43 17.44
CA TYR A 184 2.69 -3.70 18.69
C TYR A 184 3.99 -3.66 19.50
N ILE A 185 4.62 -4.82 19.68
CA ILE A 185 5.86 -4.88 20.45
C ILE A 185 6.91 -3.99 19.82
N LEU A 186 7.23 -4.27 18.55
CA LEU A 186 8.13 -3.45 17.74
C LEU A 186 7.92 -1.96 17.90
N PHE A 187 6.67 -1.51 17.85
CA PHE A 187 6.43 -0.09 18.01
C PHE A 187 6.78 0.39 19.42
N SER A 188 6.26 -0.28 20.42
CA SER A 188 6.32 0.21 21.79
C SER A 188 7.72 0.08 22.39
N LEU A 189 8.56 -0.75 21.78
CA LEU A 189 9.95 -0.90 22.22
C LEU A 189 10.90 -0.09 21.36
N SER A 190 10.40 1.00 20.80
CA SER A 190 11.22 1.86 19.98
C SER A 190 11.38 3.19 20.67
N PHE A 191 10.94 3.25 21.93
CA PHE A 191 10.99 4.49 22.69
C PHE A 191 12.08 4.46 23.76
N LYS A 192 12.47 5.65 24.20
CA LYS A 192 13.56 5.80 25.13
C LYS A 192 13.14 5.30 26.51
N ASN A 193 14.01 4.53 27.16
CA ASN A 193 13.85 4.11 28.56
C ASN A 193 12.63 3.26 28.85
N VAL A 194 12.08 2.58 27.84
CA VAL A 194 10.87 1.79 28.02
C VAL A 194 11.06 0.69 29.06
N ILE A 195 12.20 0.00 28.99
CA ILE A 195 12.50 -1.09 29.91
C ILE A 195 12.63 -0.61 31.37
N ASN A 196 12.97 0.67 31.56
CA ASN A 196 13.07 1.23 32.90
C ASN A 196 11.68 1.55 33.45
N GLU A 197 10.71 1.63 32.54
CA GLU A 197 9.33 1.99 32.90
C GLU A 197 8.58 0.84 33.57
N ASN A 198 8.64 -0.34 32.96
CA ASN A 198 7.86 -1.47 33.46
C ASN A 198 8.62 -2.79 33.48
N SER A 199 8.26 -3.64 34.45
CA SER A 199 8.78 -5.00 34.52
C SER A 199 8.33 -5.78 33.30
N PHE A 200 7.20 -5.37 32.72
CA PHE A 200 6.61 -6.01 31.57
C PHE A 200 7.48 -5.81 30.34
N ALA A 201 7.76 -4.55 30.03
CA ALA A 201 8.55 -4.24 28.85
C ALA A 201 9.98 -4.73 29.01
N ARG A 202 10.41 -4.85 30.26
CA ARG A 202 11.74 -5.35 30.57
C ARG A 202 11.85 -6.82 30.15
N LYS A 203 10.80 -7.59 30.44
CA LYS A 203 10.78 -9.02 30.15
C LYS A 203 10.49 -9.25 28.67
N ILE A 204 9.68 -8.37 28.08
CA ILE A 204 9.32 -8.47 26.66
C ILE A 204 10.54 -8.23 25.77
N ALA A 205 11.39 -7.28 26.13
CA ALA A 205 12.50 -6.88 25.28
C ALA A 205 13.52 -8.00 25.07
N ASN A 206 13.61 -8.93 25.99
CA ASN A 206 14.56 -10.05 25.89
C ASN A 206 14.09 -11.15 24.94
N PHE A 207 12.83 -11.08 24.51
CA PHE A 207 12.26 -12.09 23.63
C PHE A 207 12.03 -11.57 22.21
N GLY A 208 11.98 -10.25 22.06
CA GLY A 208 11.86 -9.64 20.76
C GLY A 208 10.66 -10.07 19.95
N MET A 209 10.91 -10.72 18.83
CA MET A 209 9.82 -11.16 17.96
C MET A 209 9.11 -12.43 18.44
N VAL A 210 9.70 -13.19 19.35
CA VAL A 210 9.12 -14.47 19.76
C VAL A 210 7.66 -14.42 20.24
N PRO A 211 7.29 -13.50 21.16
CA PRO A 211 5.91 -13.50 21.68
C PRO A 211 4.85 -13.45 20.58
N GLY A 212 5.05 -12.59 19.58
CA GLY A 212 4.10 -12.48 18.50
C GLY A 212 4.02 -13.75 17.68
N MET A 213 5.16 -14.37 17.46
CA MET A 213 5.25 -15.58 16.66
C MET A 213 4.64 -16.77 17.40
N ILE A 214 5.09 -17.01 18.64
CA ILE A 214 4.58 -18.17 19.38
C ILE A 214 3.07 -18.06 19.67
N ILE A 215 2.56 -16.86 19.92
CA ILE A 215 1.13 -16.71 20.19
C ILE A 215 0.37 -16.92 18.88
N ALA A 216 0.95 -16.51 17.76
CA ALA A 216 0.32 -16.77 16.47
C ALA A 216 0.23 -18.26 16.22
N MET A 217 1.34 -18.96 16.42
CA MET A 217 1.38 -20.40 16.26
C MET A 217 0.36 -21.13 17.12
N LEU A 218 0.34 -20.79 18.41
CA LEU A 218 -0.58 -21.44 19.34
C LEU A 218 -2.04 -21.24 18.93
N VAL A 219 -2.44 -19.97 18.77
CA VAL A 219 -3.80 -19.67 18.34
C VAL A 219 -4.06 -20.47 17.07
N GLY A 220 -3.09 -20.42 16.14
CA GLY A 220 -3.15 -21.21 14.92
C GLY A 220 -3.40 -22.69 15.08
N TRP A 221 -2.80 -23.31 16.10
CA TRP A 221 -3.06 -24.72 16.40
C TRP A 221 -4.44 -24.91 16.98
N THR A 222 -4.72 -24.18 18.06
CA THR A 222 -5.94 -24.39 18.86
C THR A 222 -7.25 -24.12 18.09
N VAL A 223 -7.20 -23.18 17.15
CA VAL A 223 -8.38 -22.83 16.35
C VAL A 223 -8.62 -23.84 15.23
N GLY A 224 -7.54 -24.48 14.78
CA GLY A 224 -7.62 -25.49 13.75
C GLY A 224 -7.19 -25.08 12.34
N GLU A 225 -6.51 -23.95 12.21
CA GLU A 225 -6.05 -23.48 10.90
C GLU A 225 -4.88 -24.28 10.40
N TYR A 226 -4.18 -24.89 11.34
CA TYR A 226 -3.00 -25.68 11.00
C TYR A 226 -3.03 -26.96 11.79
N PRO A 227 -2.61 -28.05 11.13
CA PRO A 227 -2.52 -29.36 11.77
C PRO A 227 -1.48 -29.34 12.89
N LEU A 228 -1.66 -30.20 13.89
CA LEU A 228 -0.69 -30.33 14.98
C LEU A 228 0.61 -30.86 14.42
N PRO A 229 1.73 -30.54 15.10
CA PRO A 229 3.00 -31.05 14.60
C PRO A 229 3.24 -32.51 14.98
N ASP A 230 4.14 -33.14 14.24
CA ASP A 230 4.56 -34.50 14.49
C ASP A 230 6.02 -34.45 14.97
N ILE A 231 6.19 -34.16 16.26
CA ILE A 231 7.51 -33.90 16.83
C ILE A 231 8.45 -35.10 16.73
N LYS A 232 9.60 -34.91 16.10
CA LYS A 232 10.58 -35.99 16.03
C LYS A 232 11.85 -35.61 16.80
N TRP A 233 12.32 -36.52 17.65
CA TRP A 233 13.42 -36.25 18.57
C TRP A 233 14.74 -36.66 17.94
N GLY A 234 15.80 -35.93 18.25
CA GLY A 234 17.10 -36.18 17.66
C GLY A 234 17.68 -34.96 16.95
N ILE A 235 18.62 -35.21 16.06
CA ILE A 235 19.35 -34.15 15.35
C ILE A 235 19.02 -34.13 13.87
N THR A 236 18.70 -32.95 13.34
CA THR A 236 18.41 -32.83 11.91
C THR A 236 19.53 -33.39 11.07
N ASN A 237 19.15 -34.10 10.01
CA ASN A 237 20.10 -34.78 9.14
C ASN A 237 19.79 -34.34 7.71
N PRO A 238 20.29 -33.16 7.32
CA PRO A 238 19.97 -32.59 6.01
C PRO A 238 20.41 -33.50 4.87
N ASP A 239 19.42 -34.00 4.12
CA ASP A 239 19.65 -34.92 3.03
C ASP A 239 20.25 -34.17 1.83
N PHE A 240 21.55 -33.93 1.88
CA PHE A 240 22.24 -33.18 0.83
C PHE A 240 22.39 -33.98 -0.46
N SER A 241 22.25 -35.30 -0.35
CA SER A 241 22.25 -36.18 -1.52
C SER A 241 21.04 -35.82 -2.37
N LEU A 242 19.89 -35.74 -1.73
CA LEU A 242 18.63 -35.45 -2.39
C LEU A 242 18.65 -34.04 -2.96
N MET A 243 19.05 -33.09 -2.14
CA MET A 243 19.15 -31.68 -2.49
C MET A 243 19.91 -31.43 -3.79
N TRP A 244 20.97 -32.20 -4.00
CA TRP A 244 21.82 -32.06 -5.19
C TRP A 244 21.06 -32.28 -6.49
N GLN A 245 20.00 -33.09 -6.44
CA GLN A 245 19.19 -33.41 -7.60
C GLN A 245 18.38 -32.24 -8.14
N TYR A 246 18.20 -31.21 -7.30
CA TYR A 246 17.37 -30.07 -7.64
C TYR A 246 18.20 -28.82 -7.76
N LEU A 247 19.48 -29.01 -8.08
CA LEU A 247 20.40 -27.90 -8.28
C LEU A 247 20.78 -27.85 -9.74
N PRO A 248 21.17 -26.67 -10.24
CA PRO A 248 21.62 -26.61 -11.63
C PRO A 248 22.77 -27.58 -11.94
N PHE A 249 23.40 -28.14 -10.92
CA PHE A 249 24.41 -29.18 -11.10
C PHE A 249 23.80 -30.44 -11.70
N THR A 250 22.61 -30.80 -11.25
CA THR A 250 21.91 -31.99 -11.73
C THR A 250 21.01 -31.69 -12.92
N VAL A 251 20.15 -30.69 -12.78
CA VAL A 251 19.31 -30.21 -13.87
C VAL A 251 20.22 -29.38 -14.78
N GLY A 252 19.69 -28.82 -15.85
CA GLY A 252 20.56 -28.00 -16.69
C GLY A 252 20.92 -26.62 -16.15
N TYR A 253 21.51 -25.81 -17.04
CA TYR A 253 21.62 -24.37 -16.84
C TYR A 253 20.78 -23.72 -17.94
N PRO A 254 20.13 -22.60 -17.62
CA PRO A 254 19.18 -22.01 -18.57
C PRO A 254 19.85 -21.35 -19.76
N ASP A 255 19.18 -21.43 -20.91
CA ASP A 255 19.60 -20.76 -22.14
C ASP A 255 19.76 -19.26 -21.92
N TRP A 256 20.46 -18.61 -22.84
CA TRP A 256 20.61 -17.16 -22.80
C TRP A 256 19.24 -16.47 -22.78
N GLU A 257 18.28 -17.07 -23.49
CA GLU A 257 16.94 -16.52 -23.64
C GLU A 257 16.27 -16.28 -22.31
N ILE A 258 16.57 -17.15 -21.35
CA ILE A 258 15.94 -17.04 -20.06
C ILE A 258 16.52 -15.87 -19.29
N PHE A 259 17.85 -15.75 -19.30
CA PHE A 259 18.50 -14.63 -18.62
C PHE A 259 17.88 -13.29 -19.01
N LEU A 260 17.55 -13.16 -20.30
CA LEU A 260 16.87 -11.97 -20.84
C LEU A 260 15.49 -11.75 -20.19
N LEU A 261 14.69 -12.81 -20.06
CA LEU A 261 13.41 -12.70 -19.35
C LEU A 261 13.61 -12.30 -17.88
N ALA A 262 14.70 -12.77 -17.28
CA ALA A 262 15.05 -12.43 -15.92
C ALA A 262 15.38 -10.94 -15.71
N ILE A 263 16.03 -10.30 -16.69
CA ILE A 263 16.59 -8.94 -16.48
C ILE A 263 15.62 -7.96 -15.77
N PRO A 264 14.44 -7.69 -16.36
CA PRO A 264 13.56 -6.71 -15.71
C PRO A 264 13.19 -7.05 -14.26
N THR A 265 13.08 -8.33 -13.93
CA THR A 265 12.78 -8.76 -12.56
C THR A 265 14.02 -8.62 -11.68
N ALA A 266 15.18 -8.93 -12.25
CA ALA A 266 16.45 -8.80 -11.54
C ALA A 266 16.64 -7.37 -11.08
N LEU A 267 16.48 -6.44 -12.03
CA LEU A 267 16.63 -5.01 -11.76
C LEU A 267 15.73 -4.51 -10.64
N ILE A 268 14.45 -4.88 -10.70
CA ILE A 268 13.49 -4.42 -9.70
C ILE A 268 13.82 -5.04 -8.35
N ALA A 269 14.24 -6.29 -8.33
CA ALA A 269 14.62 -6.90 -7.06
C ALA A 269 15.79 -6.12 -6.43
N TYR A 270 16.66 -5.56 -7.28
CA TYR A 270 17.71 -4.69 -6.76
C TYR A 270 17.10 -3.40 -6.21
N VAL A 271 16.30 -2.69 -7.01
CA VAL A 271 15.67 -1.44 -6.57
C VAL A 271 14.99 -1.61 -5.21
N ILE A 272 14.28 -2.72 -5.04
CA ILE A 272 13.66 -3.04 -3.77
C ILE A 272 14.69 -3.31 -2.65
N ALA A 273 15.78 -4.02 -2.96
CA ALA A 273 16.82 -4.27 -1.96
C ALA A 273 17.50 -2.98 -1.53
N PHE A 274 17.72 -2.09 -2.49
CA PHE A 274 18.26 -0.76 -2.24
C PHE A 274 17.44 -0.04 -1.15
N GLY A 275 16.12 -0.10 -1.26
CA GLY A 275 15.26 0.40 -0.20
C GLY A 275 15.56 -0.23 1.16
N ASP A 276 15.68 -1.55 1.20
CA ASP A 276 15.97 -2.28 2.44
C ASP A 276 17.32 -1.84 3.04
N ILE A 277 18.26 -1.49 2.17
CA ILE A 277 19.53 -0.95 2.61
C ILE A 277 19.32 0.40 3.28
N LEU A 278 18.42 1.20 2.72
CA LEU A 278 18.14 2.53 3.26
C LEU A 278 17.47 2.44 4.62
N VAL A 279 16.56 1.48 4.75
CA VAL A 279 15.85 1.27 6.00
C VAL A 279 16.80 0.80 7.10
N GLY A 280 17.69 -0.11 6.74
CA GLY A 280 18.62 -0.69 7.69
C GLY A 280 19.60 0.32 8.22
N PHE A 281 20.15 1.12 7.31
CA PHE A 281 21.13 2.11 7.70
C PHE A 281 20.45 3.34 8.29
N THR A 282 19.17 3.54 8.00
CA THR A 282 18.43 4.57 8.73
C THR A 282 18.41 4.19 10.21
N LEU A 283 18.07 2.94 10.49
CA LEU A 283 17.99 2.48 11.87
C LEU A 283 19.38 2.36 12.53
N VAL A 284 20.37 1.87 11.79
CA VAL A 284 21.73 1.76 12.32
C VAL A 284 22.29 3.12 12.66
N ASN A 285 22.20 4.07 11.72
CA ASN A 285 22.72 5.42 11.94
C ASN A 285 22.15 6.06 13.20
N ARG A 286 20.88 5.77 13.49
CA ARG A 286 20.23 6.31 14.68
C ARG A 286 20.81 5.75 15.97
N VAL A 287 20.91 4.44 16.05
CA VAL A 287 21.39 3.77 17.25
C VAL A 287 22.90 3.89 17.37
N ASP A 288 23.57 4.19 16.26
CA ASP A 288 25.00 4.44 16.29
C ASP A 288 25.27 5.75 17.06
N HIS A 289 24.33 6.69 16.98
CA HIS A 289 24.42 7.95 17.70
C HIS A 289 23.90 7.83 19.12
N ILE A 290 22.91 6.99 19.33
CA ILE A 290 22.45 6.68 20.68
C ILE A 290 23.57 6.05 21.46
N ARG A 291 24.22 5.05 20.86
CA ARG A 291 25.32 4.34 21.52
C ARG A 291 26.68 4.96 21.18
N LYS A 292 27.10 5.89 22.03
CA LYS A 292 28.34 6.64 21.84
C LYS A 292 29.58 5.79 22.14
N ASP A 293 29.38 4.67 22.82
CA ASP A 293 30.48 3.80 23.22
C ASP A 293 30.99 2.91 22.08
N GLU A 294 30.20 2.77 21.02
CA GLU A 294 30.68 2.04 19.85
C GLU A 294 30.65 2.88 18.59
N LYS A 295 31.73 2.79 17.83
CA LYS A 295 31.85 3.43 16.52
C LYS A 295 31.48 2.45 15.42
N ILE A 296 30.25 2.52 14.93
CA ILE A 296 29.78 1.58 13.91
C ILE A 296 30.09 2.07 12.50
N GLU A 297 30.86 1.29 11.76
CA GLU A 297 31.16 1.62 10.38
C GLU A 297 30.00 1.24 9.47
N GLU A 298 29.54 2.20 8.69
CA GLU A 298 28.42 1.93 7.77
C GLU A 298 28.92 1.88 6.33
N ASN A 299 29.38 0.70 5.91
CA ASN A 299 29.92 0.52 4.56
C ASN A 299 28.87 -0.07 3.63
N VAL A 300 28.31 0.78 2.77
CA VAL A 300 27.27 0.33 1.85
C VAL A 300 27.83 -0.62 0.79
N ASP A 301 29.04 -0.36 0.31
CA ASP A 301 29.67 -1.23 -0.68
C ASP A 301 30.02 -2.61 -0.15
N ARG A 302 30.35 -2.70 1.13
CA ARG A 302 30.62 -3.98 1.75
C ARG A 302 29.32 -4.80 1.82
N VAL A 303 28.21 -4.11 2.02
CA VAL A 303 26.90 -4.75 2.08
C VAL A 303 26.52 -5.39 0.73
N HIS A 304 26.88 -4.70 -0.35
CA HIS A 304 26.66 -5.22 -1.69
C HIS A 304 27.53 -6.47 -1.92
N LEU A 305 28.80 -6.40 -1.51
CA LEU A 305 29.72 -7.53 -1.65
C LEU A 305 29.22 -8.79 -0.94
N VAL A 306 28.94 -8.68 0.35
CA VAL A 306 28.41 -9.81 1.11
C VAL A 306 27.11 -10.28 0.47
N THR A 307 26.23 -9.35 0.14
CA THR A 307 24.95 -9.73 -0.47
C THR A 307 25.15 -10.41 -1.82
N ALA A 308 26.05 -9.85 -2.64
CA ALA A 308 26.39 -10.47 -3.92
C ALA A 308 26.87 -11.90 -3.72
N ILE A 309 27.81 -12.08 -2.81
CA ILE A 309 28.31 -13.41 -2.45
C ILE A 309 27.15 -14.34 -2.08
N ARG A 310 26.29 -13.91 -1.17
CA ARG A 310 25.20 -14.75 -0.69
C ARG A 310 24.28 -15.21 -1.83
N ASN A 311 23.97 -14.30 -2.75
CA ASN A 311 23.13 -14.63 -3.90
C ASN A 311 23.76 -15.63 -4.86
N GLY A 312 25.03 -15.42 -5.20
CA GLY A 312 25.72 -16.30 -6.14
C GLY A 312 25.86 -17.69 -5.55
N PHE A 313 26.13 -17.70 -4.25
CA PHE A 313 26.18 -18.88 -3.41
C PHE A 313 24.87 -19.66 -3.59
N HIS A 314 23.75 -19.00 -3.29
CA HIS A 314 22.40 -19.57 -3.45
C HIS A 314 22.12 -20.09 -4.86
N ALA A 315 22.44 -19.31 -5.88
CA ALA A 315 22.18 -19.68 -7.27
C ALA A 315 22.61 -21.12 -7.55
N PHE A 316 23.76 -21.53 -7.01
CA PHE A 316 24.30 -22.84 -7.30
C PHE A 316 23.88 -23.90 -6.29
N LEU A 317 23.76 -23.51 -5.03
CA LEU A 317 23.64 -24.48 -3.95
C LEU A 317 22.23 -24.55 -3.33
N ALA A 318 21.44 -23.49 -3.53
CA ALA A 318 20.07 -23.45 -3.05
C ALA A 318 19.30 -22.27 -3.65
N PRO A 319 18.88 -22.37 -4.94
CA PRO A 319 18.15 -21.27 -5.58
C PRO A 319 16.98 -20.82 -4.71
N TRP A 320 16.90 -19.51 -4.45
CA TRP A 320 16.05 -18.93 -3.40
C TRP A 320 14.98 -17.96 -3.93
N PRO A 321 13.69 -18.37 -3.91
CA PRO A 321 12.58 -17.54 -4.41
C PRO A 321 12.50 -16.14 -3.78
N GLY A 322 12.87 -16.02 -2.50
CA GLY A 322 12.94 -14.71 -1.90
C GLY A 322 14.27 -13.99 -2.15
N LEU A 323 15.22 -14.69 -2.78
CA LEU A 323 16.57 -14.18 -3.05
C LEU A 323 17.32 -13.86 -1.77
N ALA A 324 18.61 -13.54 -1.92
CA ALA A 324 19.42 -13.09 -0.81
C ALA A 324 19.34 -11.56 -0.68
N GLY A 325 18.75 -11.10 0.43
CA GLY A 325 18.52 -9.68 0.64
C GLY A 325 19.35 -9.07 1.77
N PRO A 326 19.64 -7.76 1.66
CA PRO A 326 20.43 -7.00 2.63
C PRO A 326 19.86 -7.04 4.06
N LEU A 327 18.54 -6.97 4.25
CA LEU A 327 18.06 -7.25 5.60
C LEU A 327 16.74 -7.96 5.75
N TRP A 328 16.62 -8.62 6.91
CA TRP A 328 15.36 -9.09 7.47
C TRP A 328 14.83 -7.91 8.29
N THR A 329 13.85 -7.19 7.75
CA THR A 329 13.45 -5.90 8.33
C THR A 329 13.03 -5.95 9.82
N ALA A 330 12.14 -6.85 10.22
CA ALA A 330 11.73 -6.92 11.64
C ALA A 330 12.86 -7.41 12.54
N ALA A 331 13.74 -8.28 12.03
CA ALA A 331 14.83 -8.77 12.89
C ALA A 331 15.82 -7.65 13.13
N HIS A 332 16.13 -6.92 12.07
CA HIS A 332 17.04 -5.78 12.15
C HIS A 332 16.47 -4.67 13.02
N ALA A 333 15.18 -4.36 12.86
CA ALA A 333 14.53 -3.40 13.73
C ALA A 333 14.58 -3.89 15.18
N THR A 334 14.33 -5.19 15.38
CA THR A 334 14.32 -5.76 16.72
C THR A 334 15.72 -5.71 17.40
N VAL A 335 16.77 -6.06 16.67
CA VAL A 335 18.10 -6.04 17.26
C VAL A 335 18.48 -4.60 17.58
N ALA A 336 18.26 -3.70 16.61
CA ALA A 336 18.53 -2.28 16.77
C ALA A 336 17.84 -1.70 18.01
N GLU A 337 16.58 -2.07 18.24
CA GLU A 337 15.86 -1.62 19.43
C GLU A 337 16.47 -2.09 20.75
N ARG A 338 16.78 -3.38 20.84
CA ARG A 338 17.38 -3.92 22.06
C ARG A 338 18.80 -3.37 22.22
N TYR A 339 19.47 -3.13 21.09
CA TYR A 339 20.79 -2.51 21.10
C TYR A 339 20.75 -1.08 21.65
N ALA A 340 19.74 -0.31 21.26
CA ALA A 340 19.65 1.09 21.69
C ALA A 340 19.40 1.22 23.20
N MET A 341 19.08 0.12 23.85
CA MET A 341 18.76 0.14 25.28
C MET A 341 19.99 0.26 26.21
N GLY A 342 21.18 0.17 25.63
CA GLY A 342 22.41 0.36 26.41
C GLY A 342 23.31 -0.84 26.59
N ARG A 343 24.53 -0.58 27.07
CA ARG A 343 25.60 -1.59 27.17
C ARG A 343 25.24 -2.72 28.13
N LYS A 344 24.36 -2.43 29.08
CA LYS A 344 23.87 -3.44 30.02
C LYS A 344 23.11 -4.56 29.30
N SER A 345 22.44 -4.21 28.21
CA SER A 345 21.65 -5.17 27.46
C SER A 345 22.46 -5.85 26.36
N MET A 346 22.95 -5.05 25.42
CA MET A 346 23.71 -5.60 24.30
C MET A 346 25.06 -4.90 24.16
N GLU A 347 26.13 -5.70 24.15
CA GLU A 347 27.50 -5.21 24.09
C GLU A 347 27.79 -4.38 22.84
N SER A 348 27.52 -4.98 21.69
CA SER A 348 27.76 -4.36 20.39
C SER A 348 26.65 -4.72 19.42
N ILE A 349 26.54 -3.97 18.32
CA ILE A 349 25.57 -4.28 17.28
C ILE A 349 25.91 -5.65 16.65
N TYR A 350 27.16 -6.07 16.77
CA TYR A 350 27.55 -7.38 16.22
C TYR A 350 27.31 -8.52 17.20
N SER A 351 27.36 -8.25 18.50
CA SER A 351 27.09 -9.30 19.46
C SER A 351 25.62 -9.75 19.40
N GLY A 352 24.71 -8.85 19.08
CA GLY A 352 23.30 -9.19 18.93
C GLY A 352 22.94 -9.72 17.54
N GLY A 353 23.37 -9.00 16.51
CA GLY A 353 23.13 -9.42 15.15
C GLY A 353 23.82 -10.73 14.84
N GLY A 354 25.09 -10.82 15.24
CA GLY A 354 25.89 -12.00 15.02
C GLY A 354 25.33 -13.19 15.76
N THR A 355 25.12 -13.05 17.08
CA THR A 355 24.54 -14.13 17.90
C THR A 355 23.22 -14.63 17.32
N PHE A 356 22.38 -13.70 16.86
CA PHE A 356 21.05 -14.06 16.38
C PHE A 356 21.06 -15.17 15.32
N TRP A 357 21.70 -14.91 14.19
CA TRP A 357 21.72 -15.89 13.13
C TRP A 357 22.65 -17.09 13.43
N MET A 358 23.73 -16.89 14.19
CA MET A 358 24.54 -18.04 14.64
C MET A 358 23.63 -19.05 15.32
N SER A 359 22.79 -18.56 16.22
CA SER A 359 21.82 -19.37 16.93
C SER A 359 20.77 -19.97 16.00
N GLY A 360 20.39 -19.22 14.97
CA GLY A 360 19.49 -19.75 13.97
C GLY A 360 20.07 -20.96 13.25
N LEU A 361 21.36 -20.93 12.98
CA LEU A 361 22.00 -21.98 12.21
C LEU A 361 22.05 -23.24 13.05
N LEU A 362 22.54 -23.12 14.28
CA LEU A 362 22.56 -24.24 15.21
C LEU A 362 21.16 -24.83 15.39
N ALA A 363 20.17 -23.95 15.43
CA ALA A 363 18.78 -24.35 15.64
C ALA A 363 18.25 -25.29 14.56
N LEU A 364 18.75 -25.16 13.34
CA LEU A 364 18.35 -26.05 12.25
C LEU A 364 18.56 -27.52 12.60
N PHE A 365 19.56 -27.78 13.43
CA PHE A 365 19.95 -29.14 13.78
C PHE A 365 19.07 -29.68 14.91
N ALA A 366 18.24 -28.82 15.48
CA ALA A 366 17.30 -29.22 16.51
C ALA A 366 16.02 -29.78 15.88
N LEU A 367 16.05 -31.06 15.51
CA LEU A 367 14.89 -31.70 14.87
C LEU A 367 13.56 -31.56 15.62
N PRO A 368 13.57 -31.54 16.97
CA PRO A 368 12.27 -31.29 17.60
C PRO A 368 11.64 -29.94 17.26
N LEU A 369 12.46 -28.92 17.00
CA LEU A 369 11.97 -27.59 16.65
C LEU A 369 11.56 -27.51 15.16
N VAL A 370 12.38 -28.10 14.28
CA VAL A 370 12.03 -28.19 12.88
C VAL A 370 10.67 -28.85 12.72
N THR A 371 10.50 -30.04 13.30
CA THR A 371 9.24 -30.77 13.17
C THR A 371 8.10 -30.06 13.91
N LEU A 372 8.43 -29.28 14.93
CA LEU A 372 7.43 -28.49 15.63
C LEU A 372 6.91 -27.37 14.73
N PHE A 373 7.83 -26.73 14.01
CA PHE A 373 7.52 -25.57 13.17
C PHE A 373 6.95 -25.91 11.80
N LYS A 374 7.17 -27.16 11.38
CA LYS A 374 6.78 -27.61 10.06
C LYS A 374 5.31 -27.37 9.66
N PRO A 375 4.35 -27.68 10.54
CA PRO A 375 2.99 -27.53 10.01
C PRO A 375 2.52 -26.08 10.05
N VAL A 376 3.34 -25.22 10.61
CA VAL A 376 2.89 -23.89 10.95
C VAL A 376 3.76 -22.80 10.26
N LEU A 377 4.67 -23.23 9.38
CA LEU A 377 5.48 -22.34 8.53
C LEU A 377 4.69 -21.21 7.83
N PRO A 378 3.50 -21.51 7.27
CA PRO A 378 2.71 -20.45 6.66
C PRO A 378 2.47 -19.21 7.51
N ILE A 379 2.33 -19.36 8.81
CA ILE A 379 2.16 -18.19 9.66
C ILE A 379 3.43 -17.37 9.58
N ALA A 380 4.56 -18.07 9.56
CA ALA A 380 5.85 -17.42 9.64
C ALA A 380 6.12 -16.56 8.39
N LEU A 381 5.87 -17.15 7.21
CA LEU A 381 6.06 -16.48 5.92
C LEU A 381 5.17 -15.25 5.74
N SER A 382 3.94 -15.34 6.19
CA SER A 382 3.00 -14.24 6.00
C SER A 382 3.33 -13.10 6.94
N LEU A 383 3.94 -13.47 8.05
CA LEU A 383 4.15 -12.54 9.14
C LEU A 383 5.28 -11.64 8.79
N THR A 384 6.34 -12.24 8.24
CA THR A 384 7.48 -11.46 7.79
C THR A 384 7.03 -10.50 6.67
N LEU A 385 6.19 -10.98 5.75
CA LEU A 385 5.63 -10.07 4.73
C LEU A 385 4.87 -8.92 5.35
N VAL A 386 3.87 -9.20 6.18
CA VAL A 386 3.13 -8.14 6.86
C VAL A 386 4.10 -7.21 7.59
N LEU A 387 4.99 -7.77 8.42
CA LEU A 387 5.86 -6.91 9.23
C LEU A 387 6.85 -6.06 8.43
N THR A 388 7.31 -6.56 7.28
CA THR A 388 8.17 -5.77 6.40
C THR A 388 7.36 -4.58 5.85
N ALA A 389 6.15 -4.87 5.38
CA ALA A 389 5.27 -3.82 4.88
C ALA A 389 5.10 -2.72 5.92
N TYR A 390 4.82 -3.14 7.15
CA TYR A 390 4.63 -2.24 8.29
C TYR A 390 5.81 -1.32 8.56
N ILE A 391 7.02 -1.87 8.69
CA ILE A 391 8.21 -1.07 8.98
C ILE A 391 8.62 -0.17 7.81
N CYS A 392 8.57 -0.72 6.59
CA CYS A 392 8.92 0.04 5.39
C CYS A 392 7.99 1.24 5.19
N ILE A 393 6.69 1.03 5.42
CA ILE A 393 5.74 2.11 5.27
C ILE A 393 6.04 3.16 6.32
N MET A 394 6.29 2.72 7.54
CA MET A 394 6.53 3.63 8.66
C MET A 394 7.77 4.49 8.44
N VAL A 395 8.86 3.83 8.05
CA VAL A 395 10.14 4.51 7.86
C VAL A 395 10.11 5.40 6.61
N GLY A 396 9.58 4.86 5.52
CA GLY A 396 9.44 5.65 4.31
C GLY A 396 8.71 6.96 4.54
N MET A 397 7.55 6.89 5.20
CA MET A 397 6.77 8.08 5.54
C MET A 397 7.58 9.07 6.36
N GLU A 398 8.20 8.58 7.44
CA GLU A 398 8.89 9.46 8.37
C GLU A 398 10.07 10.16 7.71
N GLN A 399 10.69 9.49 6.75
CA GLN A 399 11.89 9.99 6.09
C GLN A 399 11.60 11.15 5.13
N LEU A 400 10.33 11.38 4.83
CA LEU A 400 9.94 12.50 3.97
C LEU A 400 9.99 13.81 4.71
N LYS A 401 10.62 14.80 4.11
CA LYS A 401 10.86 16.08 4.78
C LYS A 401 9.83 17.16 4.44
N ASN A 402 9.50 17.35 3.17
CA ASN A 402 8.48 18.33 2.81
C ASN A 402 7.34 17.70 2.03
N SER A 403 6.48 18.53 1.44
CA SER A 403 5.30 18.06 0.74
C SER A 403 5.54 17.89 -0.76
N THR A 404 6.64 18.44 -1.26
CA THR A 404 6.97 18.24 -2.66
C THR A 404 7.63 16.88 -2.77
N GLU A 405 8.39 16.52 -1.74
CA GLU A 405 8.99 15.20 -1.68
C GLU A 405 7.90 14.15 -1.58
N ARG A 406 6.86 14.46 -0.83
CA ARG A 406 5.77 13.52 -0.59
C ARG A 406 4.94 13.29 -1.83
N GLY A 407 4.68 14.35 -2.60
CA GLY A 407 3.89 14.25 -3.82
C GLY A 407 4.57 13.42 -4.87
N VAL A 408 5.91 13.49 -4.88
CA VAL A 408 6.73 12.71 -5.79
C VAL A 408 6.77 11.26 -5.29
N ALA A 409 7.01 11.08 -3.99
CA ALA A 409 7.05 9.76 -3.38
C ALA A 409 5.78 8.97 -3.62
N GLY A 410 4.64 9.67 -3.61
CA GLY A 410 3.35 9.06 -3.91
C GLY A 410 3.28 8.40 -5.28
N ILE A 411 3.63 9.14 -6.33
CA ILE A 411 3.69 8.60 -7.68
C ILE A 411 4.63 7.39 -7.75
N VAL A 412 5.80 7.50 -7.13
CA VAL A 412 6.77 6.41 -7.16
C VAL A 412 6.24 5.17 -6.42
N ALA A 413 5.64 5.35 -5.24
CA ALA A 413 5.17 4.22 -4.43
C ALA A 413 4.15 3.42 -5.18
N VAL A 414 3.19 4.14 -5.74
CA VAL A 414 2.09 3.55 -6.50
C VAL A 414 2.57 2.71 -7.69
N THR A 415 3.59 3.17 -8.43
CA THR A 415 4.03 2.38 -9.59
C THR A 415 4.86 1.16 -9.16
N LEU A 416 5.66 1.30 -8.11
CA LEU A 416 6.50 0.18 -7.66
C LEU A 416 5.70 -0.89 -6.90
N ALA A 417 4.41 -0.68 -6.73
CA ALA A 417 3.62 -1.67 -6.02
C ALA A 417 2.62 -2.37 -6.95
N MET A 418 2.72 -2.03 -8.24
CA MET A 418 2.07 -2.78 -9.32
C MET A 418 2.99 -3.97 -9.64
N PRO A 419 2.42 -5.19 -9.70
CA PRO A 419 3.24 -6.41 -9.57
C PRO A 419 4.08 -6.71 -10.83
N ASP A 420 3.61 -6.26 -11.98
CA ASP A 420 4.36 -6.38 -13.23
C ASP A 420 5.62 -5.50 -13.17
N PRO A 421 6.82 -6.10 -13.28
CA PRO A 421 8.01 -5.26 -13.11
C PRO A 421 8.34 -4.44 -14.38
N LYS A 422 7.90 -4.95 -15.53
CA LYS A 422 8.02 -4.23 -16.79
C LYS A 422 7.28 -2.89 -16.74
N SER A 423 6.22 -2.84 -15.93
CA SER A 423 5.42 -1.63 -15.79
C SER A 423 6.14 -0.57 -14.99
N THR A 424 6.88 -1.00 -13.98
CA THR A 424 7.61 -0.08 -13.12
C THR A 424 8.68 0.64 -13.96
N MET A 425 9.20 -0.06 -14.96
CA MET A 425 10.21 0.49 -15.84
C MET A 425 9.57 1.39 -16.89
N TYR A 426 8.45 0.96 -17.44
CA TYR A 426 7.70 1.80 -18.37
C TYR A 426 7.32 3.11 -17.68
N ALA A 427 7.17 3.07 -16.36
CA ALA A 427 6.88 4.28 -15.60
C ALA A 427 8.12 5.17 -15.51
N VAL A 428 9.25 4.60 -15.14
CA VAL A 428 10.52 5.33 -15.05
C VAL A 428 10.90 5.91 -16.41
N CYS A 429 10.65 5.13 -17.45
CA CYS A 429 10.83 5.54 -18.84
C CYS A 429 9.94 6.71 -19.21
N ILE A 430 8.63 6.51 -19.07
CA ILE A 430 7.62 7.54 -19.32
C ILE A 430 7.84 8.73 -18.38
N GLY A 431 8.31 8.45 -17.18
CA GLY A 431 8.69 9.51 -16.26
C GLY A 431 9.82 10.36 -16.78
N VAL A 432 10.84 9.72 -17.39
CA VAL A 432 11.95 10.44 -17.98
C VAL A 432 11.49 11.28 -19.15
N ILE A 433 10.76 10.65 -20.08
CA ILE A 433 10.23 11.34 -21.25
C ILE A 433 9.41 12.55 -20.83
N LEU A 434 8.53 12.34 -19.85
CA LEU A 434 7.70 13.41 -19.30
C LEU A 434 8.54 14.47 -18.57
N TYR A 435 9.55 14.02 -17.83
CA TYR A 435 10.44 14.93 -17.11
C TYR A 435 11.20 15.80 -18.10
N PHE A 436 11.77 15.19 -19.14
CA PHE A 436 12.57 15.94 -20.09
C PHE A 436 11.77 17.00 -20.87
N LEU A 437 10.57 16.66 -21.31
CA LEU A 437 9.80 17.59 -22.14
C LEU A 437 8.98 18.62 -21.35
N ILE A 438 8.66 18.34 -20.09
CA ILE A 438 7.78 19.23 -19.33
C ILE A 438 8.44 19.81 -18.07
N GLU A 439 9.05 18.95 -17.25
CA GLU A 439 9.58 19.40 -15.96
C GLU A 439 10.87 20.25 -16.06
N ARG A 440 11.85 19.80 -16.82
CA ARG A 440 13.09 20.55 -16.99
C ARG A 440 12.95 21.95 -17.63
N PRO A 441 12.12 22.10 -18.68
CA PRO A 441 11.89 23.48 -19.16
C PRO A 441 11.11 24.32 -18.15
N ARG A 442 10.76 23.70 -17.02
CA ARG A 442 10.04 24.32 -15.91
C ARG A 442 8.66 24.84 -16.31
N LEU A 443 8.11 24.29 -17.39
CA LEU A 443 6.71 24.51 -17.73
C LEU A 443 5.97 23.91 -16.55
N MET A 444 4.73 24.34 -16.29
CA MET A 444 3.95 23.87 -15.13
C MET A 444 4.50 24.39 -13.80
N GLY A 445 5.38 25.40 -13.88
CA GLY A 445 5.84 26.09 -12.69
C GLY A 445 6.90 25.40 -11.85
N LYS A 446 7.37 26.10 -10.82
CA LYS A 446 8.26 25.55 -9.82
C LYS A 446 7.43 24.89 -8.73
N HIS A 447 8.03 23.98 -8.00
CA HIS A 447 7.30 23.32 -6.91
C HIS A 447 8.03 23.50 -5.57
N ASN A 448 7.58 24.47 -4.78
CA ASN A 448 8.13 24.71 -3.44
C ASN A 448 7.08 24.44 -2.37
N SER A 449 7.40 23.61 -1.38
CA SER A 449 6.42 23.12 -0.40
C SER A 449 5.54 24.18 0.30
N GLU A 450 6.09 25.39 0.53
CA GLU A 450 5.30 26.45 1.14
C GLU A 450 4.27 27.05 0.18
N ASP A 451 4.44 26.78 -1.12
CA ASP A 451 3.44 27.18 -2.11
C ASP A 451 2.26 26.22 -2.07
N ASN A 452 2.48 25.03 -1.52
CA ASN A 452 1.46 23.98 -1.58
C ASN A 452 0.30 24.25 -0.63
N ILE A 453 -0.86 24.55 -1.21
CA ILE A 453 -2.03 24.93 -0.44
C ILE A 453 -3.14 23.87 -0.48
N ILE A 454 -3.03 22.90 -1.39
CA ILE A 454 -4.05 21.87 -1.50
C ILE A 454 -3.67 20.64 -0.67
N PHE A 455 -2.47 20.12 -0.87
CA PHE A 455 -2.05 18.90 -0.18
C PHE A 455 -1.26 19.18 1.10
N ALA A 456 -0.87 20.45 1.31
CA ALA A 456 -0.19 20.84 2.54
C ALA A 456 -0.80 22.12 3.15
N ASP A 457 -0.52 22.34 4.43
CA ASP A 457 -0.92 23.53 5.17
C ASP A 457 -2.43 23.46 5.46
N GLN B 2 -26.77 34.15 -14.39
CA GLN B 2 -26.80 33.91 -12.95
C GLN B 2 -27.72 34.91 -12.27
N PHE B 3 -28.89 34.43 -11.84
CA PHE B 3 -29.92 35.26 -11.22
C PHE B 3 -29.50 35.88 -9.87
N ILE B 4 -29.08 35.03 -8.93
CA ILE B 4 -28.69 35.48 -7.60
C ILE B 4 -27.17 35.45 -7.42
N LYS B 5 -26.59 36.61 -7.09
CA LYS B 5 -25.15 36.72 -6.84
C LYS B 5 -24.80 36.74 -5.35
N ARG B 6 -23.55 36.38 -5.04
CA ARG B 6 -23.10 36.22 -3.66
C ARG B 6 -22.33 37.43 -3.12
N ALA B 7 -22.65 37.84 -1.90
CA ALA B 7 -21.93 38.90 -1.19
C ALA B 7 -20.57 38.42 -0.69
N HIS B 8 -19.54 39.25 -0.81
CA HIS B 8 -18.17 38.84 -0.48
C HIS B 8 -18.00 38.41 0.98
N GLY B 9 -17.63 37.14 1.16
CA GLY B 9 -17.40 36.58 2.47
C GLY B 9 -18.63 35.85 2.99
N GLU B 10 -19.70 35.91 2.22
CA GLU B 10 -20.94 35.25 2.59
C GLU B 10 -21.03 33.90 1.92
N GLU B 11 -22.04 33.13 2.33
CA GLU B 11 -22.33 31.82 1.77
C GLU B 11 -23.04 31.93 0.42
N GLN B 12 -22.82 30.95 -0.45
CA GLN B 12 -23.44 30.93 -1.77
C GLN B 12 -24.98 30.91 -1.66
N PRO B 13 -25.66 31.69 -2.52
CA PRO B 13 -27.12 31.77 -2.50
C PRO B 13 -27.80 30.40 -2.57
N TYR B 14 -28.92 30.25 -1.85
CA TYR B 14 -29.64 28.99 -1.82
C TYR B 14 -31.08 29.15 -1.38
N TRP B 15 -31.83 28.06 -1.50
CA TRP B 15 -33.17 27.97 -0.93
C TRP B 15 -33.12 26.99 0.23
N PRO B 16 -33.48 27.44 1.44
CA PRO B 16 -33.52 26.55 2.60
C PRO B 16 -34.48 25.39 2.37
N ALA B 17 -34.06 24.18 2.70
CA ALA B 17 -34.86 22.99 2.44
C ALA B 17 -34.71 21.96 3.55
N GLY B 18 -34.81 22.41 4.79
CA GLY B 18 -34.74 21.51 5.92
C GLY B 18 -33.30 21.23 6.28
N PRO B 19 -32.90 19.96 6.19
CA PRO B 19 -31.49 19.63 6.41
C PRO B 19 -30.66 19.91 5.16
N PHE B 20 -31.32 20.24 4.05
CA PHE B 20 -30.60 20.52 2.79
C PHE B 20 -30.69 21.98 2.36
N LYS B 21 -29.66 22.44 1.67
CA LYS B 21 -29.66 23.77 1.07
C LYS B 21 -29.63 23.66 -0.45
N ILE B 22 -30.80 23.89 -1.06
CA ILE B 22 -30.97 23.65 -2.48
C ILE B 22 -30.33 24.73 -3.36
N ARG B 23 -29.53 24.29 -4.32
CA ARG B 23 -28.93 25.16 -5.31
C ARG B 23 -29.10 24.57 -6.69
N LEU B 24 -29.55 25.39 -7.63
CA LEU B 24 -29.65 25.01 -9.03
C LEU B 24 -28.61 25.78 -9.82
N PRO B 25 -28.19 25.23 -10.97
CA PRO B 25 -27.28 25.99 -11.84
C PRO B 25 -28.01 27.16 -12.51
N PHE B 26 -27.25 28.20 -12.87
CA PHE B 26 -27.79 29.45 -13.44
C PHE B 26 -28.63 30.26 -12.45
N VAL B 27 -29.24 29.60 -11.46
CA VAL B 27 -30.05 30.30 -10.47
C VAL B 27 -29.21 30.70 -9.26
N HIS B 28 -28.48 29.75 -8.69
CA HIS B 28 -27.73 30.00 -7.47
C HIS B 28 -26.23 30.08 -7.70
N TYR B 29 -25.75 29.56 -8.82
CA TYR B 29 -24.33 29.65 -9.15
C TYR B 29 -24.14 29.68 -10.66
N ARG B 30 -23.02 30.23 -11.12
CA ARG B 30 -22.81 30.38 -12.56
C ARG B 30 -22.32 29.08 -13.18
N TRP B 31 -22.49 28.99 -14.51
CA TRP B 31 -22.18 27.77 -15.26
C TRP B 31 -20.75 27.82 -15.80
N GLU B 32 -19.88 27.02 -15.18
CA GLU B 32 -18.45 27.04 -15.45
C GLU B 32 -18.07 26.28 -16.72
N LEU B 33 -17.59 27.01 -17.71
CA LEU B 33 -17.17 26.42 -18.98
C LEU B 33 -16.11 25.31 -18.81
N PRO B 34 -15.06 25.54 -17.99
CA PRO B 34 -14.09 24.44 -17.83
C PRO B 34 -14.68 23.16 -17.23
N GLU B 35 -15.50 23.26 -16.19
CA GLU B 35 -16.11 22.07 -15.61
C GLU B 35 -17.16 21.47 -16.54
N MET B 36 -17.63 22.26 -17.50
CA MET B 36 -18.54 21.75 -18.53
C MET B 36 -17.80 20.81 -19.47
N ILE B 37 -16.77 21.35 -20.10
CA ILE B 37 -15.90 20.57 -20.97
C ILE B 37 -15.35 19.35 -20.26
N GLN B 38 -14.98 19.51 -18.98
CA GLN B 38 -14.45 18.39 -18.20
C GLN B 38 -15.48 17.28 -18.03
N GLY B 39 -16.69 17.63 -17.62
CA GLY B 39 -17.75 16.64 -17.46
C GLY B 39 -18.26 16.07 -18.77
N PHE B 40 -18.09 16.80 -19.86
CA PHE B 40 -18.48 16.29 -21.18
C PHE B 40 -17.56 15.16 -21.63
N PHE B 41 -16.34 15.13 -21.11
CA PHE B 41 -15.37 14.10 -21.45
C PHE B 41 -15.14 13.11 -20.30
N MET B 42 -15.03 13.63 -19.08
CA MET B 42 -14.65 12.81 -17.93
C MET B 42 -15.79 11.99 -17.33
N PHE B 43 -16.96 11.98 -17.97
CA PHE B 43 -18.06 11.14 -17.50
C PHE B 43 -17.80 9.69 -17.88
N VAL B 44 -16.74 9.47 -18.66
CA VAL B 44 -16.30 8.12 -19.01
C VAL B 44 -16.09 7.28 -17.74
N VAL B 45 -15.61 7.89 -16.67
CA VAL B 45 -15.41 7.17 -15.42
C VAL B 45 -16.76 6.72 -14.86
N GLY B 46 -17.81 7.49 -15.11
CA GLY B 46 -19.14 7.06 -14.75
C GLY B 46 -19.55 5.83 -15.52
N LEU B 47 -19.15 5.79 -16.79
CA LEU B 47 -19.41 4.67 -17.69
C LEU B 47 -18.50 3.46 -17.42
N ALA B 48 -17.46 3.68 -16.61
CA ALA B 48 -16.42 2.68 -16.43
C ALA B 48 -16.89 1.57 -15.49
N MET B 49 -18.07 1.75 -14.94
CA MET B 49 -18.65 0.74 -14.08
C MET B 49 -19.24 -0.41 -14.91
N ILE B 50 -19.69 -0.09 -16.13
CA ILE B 50 -20.33 -1.04 -17.03
C ILE B 50 -19.64 -2.41 -17.09
N PRO B 51 -18.31 -2.45 -17.27
CA PRO B 51 -17.69 -3.78 -17.26
C PRO B 51 -17.95 -4.59 -15.97
N LEU B 52 -17.92 -3.95 -14.81
CA LEU B 52 -18.20 -4.64 -13.55
C LEU B 52 -19.64 -5.15 -13.50
N LEU B 53 -20.56 -4.30 -13.95
CA LEU B 53 -21.95 -4.65 -14.02
C LEU B 53 -22.14 -5.90 -14.88
N GLU B 54 -21.42 -5.95 -16.00
CA GLU B 54 -21.48 -7.09 -16.92
C GLU B 54 -20.91 -8.38 -16.32
N SER B 55 -19.76 -8.29 -15.65
CA SER B 55 -19.15 -9.46 -15.01
C SER B 55 -19.93 -9.98 -13.83
N TYR B 56 -20.08 -9.14 -12.81
CA TYR B 56 -20.54 -9.58 -11.48
C TYR B 56 -22.06 -9.62 -11.41
N LEU B 57 -22.75 -8.80 -12.20
CA LEU B 57 -24.19 -8.77 -12.09
C LEU B 57 -24.81 -9.49 -13.28
N GLY B 58 -23.94 -9.88 -14.22
CA GLY B 58 -24.33 -10.65 -15.38
C GLY B 58 -25.27 -9.90 -16.30
N MET B 59 -25.06 -8.60 -16.45
CA MET B 59 -26.00 -7.77 -17.18
C MET B 59 -25.52 -7.53 -18.58
N PRO B 60 -26.44 -7.47 -19.54
CA PRO B 60 -26.05 -7.14 -20.91
C PRO B 60 -25.65 -5.68 -20.98
N TYR B 61 -24.79 -5.32 -21.94
CA TYR B 61 -24.26 -3.96 -22.04
C TYR B 61 -25.34 -2.86 -21.91
N GLU B 62 -26.43 -2.97 -22.66
CA GLU B 62 -27.42 -1.90 -22.64
C GLU B 62 -28.11 -1.73 -21.29
N ALA B 63 -28.34 -2.83 -20.59
CA ALA B 63 -28.89 -2.74 -19.24
C ALA B 63 -27.89 -1.99 -18.34
N ALA B 64 -26.60 -2.28 -18.54
CA ALA B 64 -25.55 -1.60 -17.79
C ALA B 64 -25.49 -0.13 -18.15
N LEU B 65 -25.66 0.18 -19.43
CA LEU B 65 -25.63 1.55 -19.92
C LEU B 65 -26.76 2.35 -19.27
N ALA B 66 -27.95 1.76 -19.19
CA ALA B 66 -29.08 2.39 -18.51
C ALA B 66 -28.79 2.68 -17.02
N PHE B 67 -28.11 1.77 -16.32
CA PHE B 67 -27.75 2.00 -14.93
C PHE B 67 -26.99 3.32 -14.75
N THR B 68 -26.05 3.60 -15.64
CA THR B 68 -25.23 4.80 -15.51
C THR B 68 -26.03 6.11 -15.64
N PHE B 69 -27.23 6.03 -16.22
CA PHE B 69 -28.14 7.19 -16.25
C PHE B 69 -28.69 7.44 -14.86
N VAL B 70 -28.99 6.35 -14.15
CA VAL B 70 -29.43 6.47 -12.76
C VAL B 70 -28.32 7.04 -11.86
N ALA B 71 -27.09 6.62 -12.09
CA ALA B 71 -25.99 7.13 -11.28
C ALA B 71 -25.68 8.58 -11.63
N GLY B 72 -25.87 8.94 -12.89
CA GLY B 72 -25.58 10.30 -13.33
C GLY B 72 -26.48 11.32 -12.66
N VAL B 73 -27.76 10.95 -12.54
CA VAL B 73 -28.73 11.69 -11.75
C VAL B 73 -28.25 11.71 -10.30
N GLY B 74 -27.82 10.56 -9.79
CA GLY B 74 -27.29 10.48 -8.44
C GLY B 74 -26.11 11.38 -8.13
N TYR B 75 -25.25 11.63 -9.11
CA TYR B 75 -24.06 12.46 -8.90
C TYR B 75 -24.36 13.95 -8.75
N ILE B 76 -25.56 14.38 -9.15
CA ILE B 76 -25.90 15.80 -9.09
C ILE B 76 -26.60 16.18 -7.79
N LEU B 77 -26.98 15.20 -6.98
CA LEU B 77 -27.65 15.49 -5.72
C LEU B 77 -26.79 16.30 -4.72
N PRO B 78 -25.48 16.02 -4.61
CA PRO B 78 -24.68 16.82 -3.67
C PRO B 78 -24.72 18.35 -3.90
N ALA B 79 -24.44 18.82 -5.10
CA ALA B 79 -24.46 20.26 -5.35
C ALA B 79 -25.91 20.75 -5.41
N LEU B 80 -26.84 19.83 -5.62
CA LEU B 80 -28.25 20.18 -5.63
C LEU B 80 -28.79 20.41 -4.22
N LEU B 81 -28.23 19.70 -3.26
CA LEU B 81 -28.77 19.69 -1.90
C LEU B 81 -27.80 20.29 -0.90
N GLY B 82 -26.73 20.91 -1.40
CA GLY B 82 -25.75 21.54 -0.53
C GLY B 82 -24.60 20.66 -0.03
N VAL B 83 -23.88 20.03 -0.95
CA VAL B 83 -22.68 19.28 -0.58
C VAL B 83 -21.51 19.63 -1.51
N PRO B 84 -20.44 20.20 -0.95
CA PRO B 84 -19.29 20.68 -1.74
C PRO B 84 -18.36 19.55 -2.11
N LEU B 85 -18.74 18.32 -1.75
CA LEU B 85 -17.95 17.16 -2.08
C LEU B 85 -18.39 16.57 -3.41
N VAL B 86 -17.54 16.76 -4.42
CA VAL B 86 -17.79 16.15 -5.73
C VAL B 86 -17.93 14.66 -5.54
N PRO B 87 -19.12 14.11 -5.74
CA PRO B 87 -19.40 12.71 -5.39
C PRO B 87 -18.81 11.66 -6.33
N GLY B 88 -18.95 10.41 -5.92
CA GLY B 88 -18.52 9.29 -6.75
C GLY B 88 -18.83 7.97 -6.07
N TRP B 89 -17.86 7.06 -6.15
CA TRP B 89 -17.96 5.74 -5.55
C TRP B 89 -17.19 5.61 -4.25
N ILE B 90 -17.34 4.46 -3.59
CA ILE B 90 -16.47 4.14 -2.48
C ILE B 90 -15.35 3.27 -3.08
N THR B 91 -14.48 3.94 -3.83
CA THR B 91 -13.60 3.30 -4.80
C THR B 91 -12.59 2.35 -4.15
N PRO B 92 -11.94 2.75 -3.04
CA PRO B 92 -11.16 1.75 -2.30
C PRO B 92 -11.98 0.57 -1.71
N ALA B 93 -13.30 0.61 -1.77
CA ALA B 93 -14.05 -0.55 -1.30
C ALA B 93 -14.43 -1.49 -2.44
N ILE B 94 -14.15 -1.11 -3.68
CA ILE B 94 -14.50 -1.96 -4.82
C ILE B 94 -13.95 -3.40 -4.67
N PRO B 95 -12.63 -3.56 -4.40
CA PRO B 95 -12.10 -4.93 -4.24
C PRO B 95 -12.86 -5.77 -3.22
N VAL B 96 -13.14 -5.18 -2.08
CA VAL B 96 -13.88 -5.86 -1.02
C VAL B 96 -15.28 -6.23 -1.52
N VAL B 97 -15.93 -5.31 -2.24
CA VAL B 97 -17.29 -5.53 -2.71
C VAL B 97 -17.35 -6.60 -3.78
N LEU B 98 -16.42 -6.54 -4.74
CA LEU B 98 -16.29 -7.59 -5.74
C LEU B 98 -16.03 -8.96 -5.07
N LEU B 99 -15.22 -8.96 -4.03
CA LEU B 99 -14.95 -10.18 -3.28
C LEU B 99 -16.24 -10.75 -2.73
N TYR B 100 -17.13 -9.89 -2.30
CA TYR B 100 -18.38 -10.31 -1.70
C TYR B 100 -19.28 -10.89 -2.79
N LEU B 101 -19.33 -10.19 -3.92
CA LEU B 101 -20.23 -10.54 -4.99
C LEU B 101 -19.80 -11.85 -5.62
N LYS B 102 -18.49 -12.02 -5.72
CA LYS B 102 -17.86 -13.18 -6.32
C LYS B 102 -18.36 -14.51 -5.72
N GLY B 103 -19.06 -14.43 -4.59
CA GLY B 103 -19.57 -15.64 -3.98
C GLY B 103 -21.01 -15.89 -4.35
N PHE B 104 -21.46 -15.19 -5.38
CA PHE B 104 -22.79 -15.41 -5.92
C PHE B 104 -22.70 -15.61 -7.44
N GLU B 105 -23.66 -16.34 -8.00
CA GLU B 105 -23.67 -16.51 -9.42
C GLU B 105 -23.96 -15.14 -10.01
N PRO B 106 -23.11 -14.65 -10.92
CA PRO B 106 -23.43 -13.40 -11.61
C PRO B 106 -24.77 -13.50 -12.35
N GLY B 107 -25.68 -12.58 -12.06
CA GLY B 107 -27.06 -12.70 -12.48
C GLY B 107 -28.02 -12.26 -11.40
N PRO B 108 -29.25 -12.78 -11.40
CA PRO B 108 -30.21 -12.34 -10.37
C PRO B 108 -29.71 -12.57 -8.95
N GLU B 109 -29.10 -13.72 -8.68
CA GLU B 109 -28.54 -13.99 -7.35
C GLU B 109 -27.55 -12.90 -6.87
N ALA B 110 -26.64 -12.47 -7.74
CA ALA B 110 -25.65 -11.47 -7.37
C ALA B 110 -26.27 -10.09 -7.23
N ILE B 111 -27.36 -9.84 -7.96
CA ILE B 111 -28.10 -8.58 -7.85
C ILE B 111 -28.83 -8.49 -6.50
N ARG B 112 -29.50 -9.57 -6.08
CA ARG B 112 -30.11 -9.59 -4.74
C ARG B 112 -29.06 -9.39 -3.66
N ALA B 113 -27.86 -9.93 -3.89
CA ALA B 113 -26.78 -9.82 -2.92
C ALA B 113 -26.35 -8.38 -2.78
N LEU B 114 -26.18 -7.71 -3.92
CA LEU B 114 -25.73 -6.32 -3.96
C LEU B 114 -26.79 -5.36 -3.43
N PHE B 115 -28.05 -5.76 -3.56
CA PHE B 115 -29.14 -5.02 -2.94
C PHE B 115 -28.98 -5.01 -1.42
N ALA B 116 -28.71 -6.19 -0.85
CA ALA B 116 -28.59 -6.32 0.60
C ALA B 116 -27.38 -5.53 1.12
N LEU B 117 -26.30 -5.53 0.35
CA LEU B 117 -25.14 -4.78 0.78
C LEU B 117 -25.40 -3.29 0.68
N GLN B 118 -26.02 -2.84 -0.41
CA GLN B 118 -26.16 -1.40 -0.61
C GLN B 118 -27.24 -0.74 0.25
N ILE B 119 -28.32 -1.47 0.57
CA ILE B 119 -29.36 -0.89 1.43
C ILE B 119 -28.80 -0.69 2.84
N GLU B 120 -27.94 -1.60 3.29
CA GLU B 120 -27.32 -1.49 4.62
C GLU B 120 -26.40 -0.30 4.65
N VAL B 121 -25.57 -0.17 3.63
CA VAL B 121 -24.65 0.96 3.54
C VAL B 121 -25.46 2.24 3.57
N ALA B 122 -26.62 2.25 2.92
CA ALA B 122 -27.57 3.37 3.02
C ALA B 122 -27.97 3.60 4.46
N ILE B 123 -28.48 2.56 5.10
CA ILE B 123 -28.93 2.63 6.49
C ILE B 123 -27.82 3.16 7.41
N ILE B 124 -26.61 2.66 7.25
CA ILE B 124 -25.49 3.13 8.06
C ILE B 124 -25.27 4.62 7.85
N PHE B 125 -25.43 5.10 6.62
CA PHE B 125 -25.25 6.51 6.32
C PHE B 125 -26.40 7.34 6.86
N LEU B 126 -27.62 6.81 6.72
CA LEU B 126 -28.83 7.50 7.19
C LEU B 126 -28.81 7.73 8.69
N ILE B 127 -28.57 6.68 9.46
CA ILE B 127 -28.60 6.78 10.92
C ILE B 127 -27.47 7.68 11.42
N LEU B 128 -26.25 7.45 10.95
CA LEU B 128 -25.13 8.29 11.36
C LEU B 128 -25.32 9.76 10.96
N GLY B 129 -26.16 10.01 9.97
CA GLY B 129 -26.42 11.38 9.54
C GLY B 129 -27.61 12.01 10.25
N ALA B 130 -28.67 11.23 10.44
CA ALA B 130 -29.86 11.73 11.10
C ALA B 130 -29.59 11.99 12.58
N THR B 131 -28.94 11.03 13.25
CA THR B 131 -28.63 11.19 14.68
C THR B 131 -27.39 12.06 14.89
N ARG B 132 -26.92 12.67 13.80
CA ARG B 132 -25.75 13.55 13.81
C ARG B 132 -24.51 12.86 14.38
N LEU B 133 -24.56 11.53 14.44
CA LEU B 133 -23.47 10.73 14.99
C LEU B 133 -22.33 10.62 13.99
N GLY B 134 -22.53 11.16 12.79
CA GLY B 134 -21.47 11.25 11.80
C GLY B 134 -20.46 12.33 12.15
N SER B 135 -20.96 13.51 12.53
CA SER B 135 -20.13 14.64 12.96
C SER B 135 -19.31 14.34 14.21
N LYS B 136 -19.89 13.57 15.12
CA LYS B 136 -19.22 13.21 16.35
C LYS B 136 -17.95 12.44 16.02
N LEU B 137 -18.08 11.42 15.17
CA LEU B 137 -16.96 10.56 14.79
C LEU B 137 -15.80 11.33 14.12
N VAL B 138 -16.11 12.28 13.25
CA VAL B 138 -15.08 13.13 12.66
C VAL B 138 -14.30 13.88 13.76
N ASP B 139 -14.98 14.26 14.83
CA ASP B 139 -14.34 14.93 15.97
C ASP B 139 -13.69 13.96 16.96
N VAL B 140 -14.43 12.94 17.38
CA VAL B 140 -13.97 12.04 18.44
C VAL B 140 -12.79 11.14 18.04
N ILE B 141 -12.90 10.48 16.89
CA ILE B 141 -11.85 9.58 16.38
C ILE B 141 -10.50 10.29 16.34
N PRO B 142 -9.49 9.70 17.00
CA PRO B 142 -8.11 10.20 17.05
C PRO B 142 -7.51 10.40 15.66
N ASN B 143 -6.50 11.24 15.54
CA ASN B 143 -5.90 11.55 14.25
C ASN B 143 -5.13 10.36 13.68
N SER B 144 -4.51 9.58 14.55
CA SER B 144 -3.76 8.40 14.11
C SER B 144 -4.66 7.42 13.37
N LEU B 145 -5.83 7.18 13.95
CA LEU B 145 -6.84 6.31 13.35
C LEU B 145 -7.41 6.88 12.05
N LYS B 146 -7.67 8.18 12.04
CA LYS B 146 -8.16 8.85 10.83
C LYS B 146 -7.14 8.72 9.72
N CYS B 147 -5.86 8.85 10.06
CA CYS B 147 -4.81 8.75 9.04
C CYS B 147 -4.57 7.31 8.64
N GLY B 148 -4.64 6.40 9.60
CA GLY B 148 -4.56 4.97 9.33
C GLY B 148 -5.64 4.53 8.35
N ILE B 149 -6.87 4.98 8.57
CA ILE B 149 -7.98 4.71 7.67
C ILE B 149 -7.75 5.28 6.27
N ILE B 150 -7.40 6.56 6.17
CA ILE B 150 -7.13 7.18 4.87
C ILE B 150 -6.05 6.43 4.08
N ILE B 151 -4.94 6.13 4.74
CA ILE B 151 -3.83 5.44 4.09
C ILE B 151 -4.19 4.01 3.71
N GLY B 152 -4.69 3.26 4.69
CA GLY B 152 -5.28 1.95 4.44
C GLY B 152 -6.24 1.96 3.26
N ALA B 153 -7.20 2.87 3.29
CA ALA B 153 -8.14 2.99 2.18
C ALA B 153 -7.39 3.23 0.86
N GLY B 154 -6.32 3.99 0.91
CA GLY B 154 -5.53 4.23 -0.28
C GLY B 154 -4.84 2.97 -0.79
N MET B 155 -4.40 2.13 0.13
CA MET B 155 -3.68 0.92 -0.26
C MET B 155 -4.66 -0.15 -0.75
N ALA B 156 -5.87 -0.14 -0.20
CA ALA B 156 -6.96 -0.98 -0.70
C ALA B 156 -7.25 -0.68 -2.17
N ALA B 157 -7.23 0.61 -2.52
CA ALA B 157 -7.52 1.00 -3.89
C ALA B 157 -6.54 0.33 -4.84
N MET B 158 -5.33 0.05 -4.37
CA MET B 158 -4.34 -0.58 -5.22
C MET B 158 -4.29 -2.11 -5.23
N MET B 159 -4.70 -2.77 -4.17
CA MET B 159 -4.86 -4.22 -4.24
C MET B 159 -6.04 -4.51 -5.16
N GLY B 160 -6.77 -3.44 -5.50
CA GLY B 160 -7.92 -3.50 -6.38
C GLY B 160 -7.64 -3.45 -7.85
N GLU B 161 -6.74 -2.56 -8.25
CA GLU B 161 -6.28 -2.46 -9.63
C GLU B 161 -5.84 -3.85 -10.09
N LEU B 162 -5.35 -4.63 -9.12
CA LEU B 162 -4.94 -6.00 -9.31
C LEU B 162 -6.14 -6.95 -9.50
N LYS B 163 -7.14 -6.83 -8.64
CA LYS B 163 -8.24 -7.79 -8.57
C LYS B 163 -9.40 -7.60 -9.56
N ILE B 164 -9.72 -6.36 -9.91
CA ILE B 164 -10.80 -6.08 -10.87
C ILE B 164 -10.54 -6.82 -12.18
N GLY B 165 -9.26 -6.83 -12.57
CA GLY B 165 -8.81 -7.31 -13.86
C GLY B 165 -7.61 -6.49 -14.30
N PRO B 172 0.35 -2.99 -19.28
CA PRO B 172 -0.72 -2.07 -19.65
C PRO B 172 -0.18 -0.66 -19.77
N ILE B 173 0.39 -0.33 -20.92
CA ILE B 173 1.01 0.97 -21.15
C ILE B 173 -0.02 2.08 -20.96
N SER B 174 -1.27 1.83 -21.35
CA SER B 174 -2.36 2.79 -21.22
C SER B 174 -2.47 3.38 -19.83
N LEU B 175 -2.45 2.49 -18.84
CA LEU B 175 -2.69 2.83 -17.45
C LEU B 175 -1.52 3.59 -16.83
N ILE B 176 -0.31 3.23 -17.25
CA ILE B 176 0.90 3.89 -16.80
C ILE B 176 0.99 5.33 -17.26
N VAL B 177 0.91 5.59 -18.57
CA VAL B 177 0.99 6.99 -19.04
C VAL B 177 -0.22 7.72 -18.48
N GLY B 178 -1.38 7.07 -18.47
CA GLY B 178 -2.56 7.66 -17.88
C GLY B 178 -2.36 8.12 -16.44
N SER B 179 -1.72 7.27 -15.64
CA SER B 179 -1.51 7.54 -14.23
C SER B 179 -0.50 8.64 -13.97
N ILE B 180 0.61 8.58 -14.68
CA ILE B 180 1.69 9.52 -14.43
C ILE B 180 1.31 10.93 -14.88
N ILE B 181 0.84 11.08 -16.12
CA ILE B 181 0.38 12.39 -16.60
C ILE B 181 -0.72 12.92 -15.68
N SER B 182 -1.75 12.13 -15.42
CA SER B 182 -2.79 12.56 -14.48
C SER B 182 -2.22 13.02 -13.14
N ALA B 183 -1.38 12.21 -12.51
CA ALA B 183 -0.86 12.51 -11.18
C ALA B 183 0.11 13.71 -11.19
N TYR B 184 0.86 13.84 -12.29
CA TYR B 184 1.75 14.99 -12.46
C TYR B 184 0.97 16.31 -12.51
N ILE B 185 -0.06 16.39 -13.34
CA ILE B 185 -0.90 17.57 -13.43
C ILE B 185 -1.52 17.86 -12.07
N LEU B 186 -2.20 16.88 -11.50
CA LEU B 186 -2.75 16.98 -10.15
C LEU B 186 -1.75 17.55 -9.16
N PHE B 187 -0.54 17.00 -9.13
CA PHE B 187 0.47 17.45 -8.20
C PHE B 187 0.92 18.88 -8.47
N SER B 188 1.29 19.14 -9.72
CA SER B 188 1.92 20.39 -10.07
C SER B 188 0.95 21.59 -10.03
N LEU B 189 -0.34 21.31 -10.10
CA LEU B 189 -1.36 22.35 -10.00
C LEU B 189 -1.96 22.44 -8.59
N SER B 190 -1.18 22.11 -7.57
CA SER B 190 -1.65 22.25 -6.20
C SER B 190 -0.80 23.31 -5.50
N PHE B 191 -0.03 24.04 -6.28
CA PHE B 191 0.87 25.05 -5.73
C PHE B 191 0.31 26.46 -5.96
N LYS B 192 0.82 27.41 -5.19
CA LYS B 192 0.35 28.78 -5.23
C LYS B 192 0.83 29.47 -6.51
N ASN B 193 -0.10 30.15 -7.18
CA ASN B 193 0.21 30.99 -8.33
C ASN B 193 0.82 30.22 -9.52
N VAL B 194 0.49 28.94 -9.66
CA VAL B 194 1.05 28.13 -10.75
C VAL B 194 0.73 28.69 -12.13
N ILE B 195 -0.54 29.04 -12.32
CA ILE B 195 -1.02 29.54 -13.60
C ILE B 195 -0.37 30.87 -13.99
N ASN B 196 0.10 31.62 -12.99
CA ASN B 196 0.74 32.90 -13.25
C ASN B 196 2.17 32.75 -13.73
N GLU B 197 2.78 31.59 -13.47
CA GLU B 197 4.16 31.35 -13.83
C GLU B 197 4.34 31.04 -15.32
N ASN B 198 3.49 30.16 -15.85
CA ASN B 198 3.64 29.71 -17.24
C ASN B 198 2.33 29.69 -18.02
N SER B 199 2.43 29.95 -19.32
CA SER B 199 1.31 29.85 -20.24
C SER B 199 0.80 28.41 -20.33
N PHE B 200 1.71 27.47 -20.07
CA PHE B 200 1.40 26.05 -20.17
C PHE B 200 0.43 25.62 -19.07
N ALA B 201 0.76 25.93 -17.82
CA ALA B 201 -0.06 25.52 -16.69
C ALA B 201 -1.42 26.25 -16.69
N ARG B 202 -1.45 27.42 -17.32
CA ARG B 202 -2.67 28.20 -17.44
C ARG B 202 -3.72 27.45 -18.28
N LYS B 203 -3.26 26.85 -19.37
CA LYS B 203 -4.14 26.16 -20.32
C LYS B 203 -4.53 24.77 -19.82
N ILE B 204 -3.63 24.11 -19.10
CA ILE B 204 -3.92 22.80 -18.55
C ILE B 204 -5.01 22.88 -17.48
N ALA B 205 -4.96 23.93 -16.67
CA ALA B 205 -5.85 24.05 -15.50
C ALA B 205 -7.33 24.05 -15.89
N ASN B 206 -7.62 24.42 -17.14
CA ASN B 206 -8.99 24.44 -17.63
C ASN B 206 -9.48 23.06 -18.08
N PHE B 207 -8.56 22.10 -18.16
CA PHE B 207 -8.93 20.76 -18.62
C PHE B 207 -8.92 19.73 -17.50
N GLY B 208 -8.18 20.01 -16.43
CA GLY B 208 -8.15 19.12 -15.28
C GLY B 208 -7.70 17.69 -15.58
N MET B 209 -8.60 16.73 -15.39
CA MET B 209 -8.29 15.31 -15.59
C MET B 209 -8.32 14.88 -17.06
N VAL B 210 -8.87 15.72 -17.93
CA VAL B 210 -8.99 15.36 -19.34
C VAL B 210 -7.67 14.96 -20.01
N PRO B 211 -6.59 15.77 -19.87
CA PRO B 211 -5.36 15.39 -20.59
C PRO B 211 -4.85 13.98 -20.28
N GLY B 212 -4.80 13.60 -19.00
CA GLY B 212 -4.29 12.29 -18.65
C GLY B 212 -5.17 11.17 -19.20
N MET B 213 -6.48 11.38 -19.14
CA MET B 213 -7.44 10.38 -19.57
C MET B 213 -7.37 10.21 -21.07
N ILE B 214 -7.46 11.32 -21.81
CA ILE B 214 -7.47 11.24 -23.26
C ILE B 214 -6.15 10.68 -23.79
N ILE B 215 -5.04 11.03 -23.16
CA ILE B 215 -3.74 10.57 -23.66
C ILE B 215 -3.60 9.06 -23.42
N ALA B 216 -4.17 8.56 -22.32
CA ALA B 216 -4.16 7.13 -22.05
C ALA B 216 -4.90 6.36 -23.12
N MET B 217 -6.08 6.86 -23.49
CA MET B 217 -6.91 6.26 -24.53
C MET B 217 -6.16 6.18 -25.85
N LEU B 218 -5.54 7.30 -26.23
CA LEU B 218 -4.77 7.43 -27.46
C LEU B 218 -3.64 6.43 -27.53
N VAL B 219 -2.79 6.42 -26.50
CA VAL B 219 -1.73 5.44 -26.39
C VAL B 219 -2.34 4.03 -26.42
N GLY B 220 -3.39 3.84 -25.61
CA GLY B 220 -4.12 2.59 -25.60
C GLY B 220 -4.65 2.07 -26.93
N TRP B 221 -5.15 2.97 -27.77
CA TRP B 221 -5.62 2.57 -29.09
C TRP B 221 -4.46 2.20 -30.02
N THR B 222 -3.52 3.13 -30.21
CA THR B 222 -2.45 2.93 -31.19
C THR B 222 -1.56 1.73 -30.87
N VAL B 223 -1.39 1.44 -29.59
CA VAL B 223 -0.56 0.34 -29.16
C VAL B 223 -1.30 -0.98 -29.37
N GLY B 224 -2.63 -0.95 -29.33
CA GLY B 224 -3.41 -2.14 -29.62
C GLY B 224 -3.92 -2.89 -28.39
N GLU B 225 -3.88 -2.23 -27.24
CA GLU B 225 -4.36 -2.85 -26.01
C GLU B 225 -5.89 -2.93 -25.97
N TYR B 226 -6.55 -2.00 -26.68
CA TYR B 226 -8.00 -1.95 -26.76
C TYR B 226 -8.37 -1.64 -28.20
N PRO B 227 -9.41 -2.31 -28.71
CA PRO B 227 -9.91 -2.09 -30.06
C PRO B 227 -10.44 -0.68 -30.30
N LEU B 228 -10.43 -0.27 -31.56
CA LEU B 228 -10.96 1.04 -31.95
C LEU B 228 -12.48 1.04 -31.70
N PRO B 229 -13.06 2.24 -31.48
CA PRO B 229 -14.50 2.33 -31.23
C PRO B 229 -15.30 2.26 -32.53
N ASP B 230 -16.59 1.98 -32.43
CA ASP B 230 -17.48 2.02 -33.58
C ASP B 230 -18.49 3.15 -33.35
N ILE B 231 -18.09 4.36 -33.70
CA ILE B 231 -18.83 5.57 -33.34
C ILE B 231 -20.22 5.60 -33.94
N LYS B 232 -21.22 5.81 -33.09
CA LYS B 232 -22.60 5.93 -33.55
C LYS B 232 -23.14 7.33 -33.28
N TRP B 233 -23.83 7.88 -34.27
CA TRP B 233 -24.28 9.24 -34.19
C TRP B 233 -25.71 9.30 -33.72
N GLY B 234 -26.04 10.38 -33.02
CA GLY B 234 -27.38 10.54 -32.50
C GLY B 234 -27.44 10.75 -31.00
N ILE B 235 -28.61 10.48 -30.44
CA ILE B 235 -28.85 10.68 -29.02
C ILE B 235 -29.00 9.32 -28.37
N THR B 236 -28.25 9.10 -27.28
CA THR B 236 -28.29 7.86 -26.54
C THR B 236 -29.73 7.54 -26.14
N ASN B 237 -30.07 6.26 -26.21
CA ASN B 237 -31.45 5.83 -26.02
C ASN B 237 -31.50 4.73 -24.93
N PRO B 238 -31.49 5.15 -23.64
CA PRO B 238 -31.43 4.22 -22.51
C PRO B 238 -32.61 3.26 -22.42
N ASP B 239 -32.32 1.98 -22.58
CA ASP B 239 -33.32 0.92 -22.57
C ASP B 239 -33.78 0.61 -21.14
N PHE B 240 -34.78 1.36 -20.64
CA PHE B 240 -35.25 1.16 -19.26
C PHE B 240 -36.14 -0.08 -19.10
N SER B 241 -36.69 -0.58 -20.20
CA SER B 241 -37.43 -1.84 -20.16
C SER B 241 -36.46 -2.96 -19.79
N LEU B 242 -35.31 -2.94 -20.46
CA LEU B 242 -34.30 -3.97 -20.25
C LEU B 242 -33.76 -3.87 -18.83
N MET B 243 -33.33 -2.66 -18.48
CA MET B 243 -32.78 -2.34 -17.16
C MET B 243 -33.65 -2.89 -16.02
N TRP B 244 -34.97 -2.78 -16.19
CA TRP B 244 -35.93 -3.21 -15.16
C TRP B 244 -35.78 -4.70 -14.79
N GLN B 245 -35.29 -5.52 -15.73
CA GLN B 245 -35.09 -6.96 -15.52
C GLN B 245 -33.98 -7.23 -14.53
N TYR B 246 -33.16 -6.22 -14.29
CA TYR B 246 -31.98 -6.40 -13.49
C TYR B 246 -32.10 -5.56 -12.24
N LEU B 247 -33.35 -5.26 -11.89
CA LEU B 247 -33.67 -4.53 -10.67
C LEU B 247 -34.40 -5.47 -9.76
N PRO B 248 -34.34 -5.21 -8.44
CA PRO B 248 -35.10 -6.01 -7.47
C PRO B 248 -36.63 -6.01 -7.73
N PHE B 249 -37.11 -5.10 -8.58
CA PHE B 249 -38.52 -5.14 -8.98
C PHE B 249 -38.80 -6.40 -9.78
N THR B 250 -37.82 -6.81 -10.58
CA THR B 250 -37.93 -8.02 -11.41
C THR B 250 -37.42 -9.26 -10.70
N VAL B 251 -36.19 -9.21 -10.21
CA VAL B 251 -35.61 -10.31 -9.44
C VAL B 251 -36.16 -10.18 -8.04
N GLY B 252 -35.84 -11.12 -7.15
CA GLY B 252 -36.39 -11.04 -5.82
C GLY B 252 -35.81 -9.96 -4.90
N TYR B 253 -36.09 -10.10 -3.62
CA TYR B 253 -35.34 -9.41 -2.57
C TYR B 253 -34.68 -10.53 -1.76
N PRO B 254 -33.47 -10.28 -1.23
CA PRO B 254 -32.70 -11.36 -0.59
C PRO B 254 -33.27 -11.86 0.73
N ASP B 255 -33.06 -13.15 1.01
CA ASP B 255 -33.42 -13.75 2.30
C ASP B 255 -32.65 -13.02 3.40
N TRP B 256 -33.15 -13.10 4.63
CA TRP B 256 -32.50 -12.42 5.76
C TRP B 256 -31.04 -12.83 5.94
N GLU B 257 -30.75 -14.09 5.64
CA GLU B 257 -29.40 -14.66 5.78
C GLU B 257 -28.37 -13.91 4.94
N ILE B 258 -28.83 -13.34 3.82
CA ILE B 258 -27.95 -12.61 2.90
C ILE B 258 -27.50 -11.29 3.54
N PHE B 259 -28.44 -10.60 4.18
CA PHE B 259 -28.14 -9.37 4.91
C PHE B 259 -27.00 -9.57 5.93
N LEU B 260 -26.96 -10.73 6.58
CA LEU B 260 -25.90 -11.03 7.53
C LEU B 260 -24.53 -11.12 6.84
N LEU B 261 -24.48 -11.85 5.75
CA LEU B 261 -23.25 -11.98 4.96
C LEU B 261 -22.71 -10.60 4.57
N ALA B 262 -23.64 -9.69 4.29
CA ALA B 262 -23.32 -8.31 3.97
C ALA B 262 -22.69 -7.51 5.11
N ILE B 263 -23.09 -7.78 6.35
CA ILE B 263 -22.72 -6.88 7.47
C ILE B 263 -21.23 -6.51 7.47
N PRO B 264 -20.30 -7.49 7.59
CA PRO B 264 -18.89 -7.07 7.63
C PRO B 264 -18.42 -6.23 6.42
N THR B 265 -18.97 -6.49 5.24
CA THR B 265 -18.60 -5.72 4.05
C THR B 265 -19.25 -4.35 4.09
N ALA B 266 -20.49 -4.31 4.57
CA ALA B 266 -21.23 -3.06 4.72
C ALA B 266 -20.43 -2.10 5.57
N LEU B 267 -20.07 -2.57 6.76
CA LEU B 267 -19.28 -1.81 7.72
C LEU B 267 -17.94 -1.30 7.14
N ILE B 268 -17.14 -2.18 6.52
CA ILE B 268 -15.82 -1.75 6.04
C ILE B 268 -15.98 -0.75 4.89
N ALA B 269 -16.98 -0.97 4.05
CA ALA B 269 -17.28 -0.02 3.00
C ALA B 269 -17.61 1.35 3.59
N TYR B 270 -18.26 1.38 4.77
CA TYR B 270 -18.49 2.66 5.46
C TYR B 270 -17.21 3.27 5.99
N VAL B 271 -16.44 2.50 6.74
CA VAL B 271 -15.15 2.97 7.28
C VAL B 271 -14.31 3.62 6.18
N ILE B 272 -14.26 2.98 5.01
CA ILE B 272 -13.53 3.51 3.85
C ILE B 272 -14.14 4.84 3.38
N ALA B 273 -15.47 4.89 3.33
CA ALA B 273 -16.17 6.12 2.94
C ALA B 273 -15.88 7.24 3.92
N PHE B 274 -15.81 6.90 5.21
CA PHE B 274 -15.45 7.85 6.25
C PHE B 274 -14.10 8.50 5.94
N GLY B 275 -13.16 7.70 5.45
CA GLY B 275 -11.90 8.19 4.94
C GLY B 275 -12.06 9.26 3.86
N ASP B 276 -12.90 8.96 2.87
CA ASP B 276 -13.21 9.85 1.76
C ASP B 276 -13.78 11.19 2.23
N ILE B 277 -14.56 11.15 3.31
CA ILE B 277 -15.14 12.34 3.92
C ILE B 277 -14.03 13.19 4.53
N LEU B 278 -13.06 12.53 5.16
CA LEU B 278 -11.94 13.22 5.78
C LEU B 278 -11.06 13.86 4.72
N VAL B 279 -10.82 13.13 3.64
CA VAL B 279 -10.01 13.63 2.53
C VAL B 279 -10.72 14.80 1.84
N GLY B 280 -12.02 14.67 1.64
CA GLY B 280 -12.77 15.70 0.96
C GLY B 280 -12.82 17.01 1.72
N PHE B 281 -13.12 16.92 3.01
CA PHE B 281 -13.23 18.11 3.83
C PHE B 281 -11.85 18.63 4.25
N THR B 282 -10.84 17.77 4.20
CA THR B 282 -9.47 18.24 4.40
C THR B 282 -9.18 19.25 3.30
N LEU B 283 -9.53 18.88 2.06
CA LEU B 283 -9.31 19.75 0.92
C LEU B 283 -10.25 20.95 0.91
N VAL B 284 -11.51 20.75 1.28
CA VAL B 284 -12.44 21.87 1.33
C VAL B 284 -12.00 22.89 2.39
N ASN B 285 -11.68 22.41 3.60
CA ASN B 285 -11.25 23.30 4.68
C ASN B 285 -10.09 24.17 4.27
N ARG B 286 -9.21 23.60 3.46
CA ARG B 286 -8.04 24.32 2.99
C ARG B 286 -8.41 25.40 2.01
N VAL B 287 -9.19 25.05 0.99
CA VAL B 287 -9.54 26.00 -0.03
C VAL B 287 -10.62 26.96 0.48
N ASP B 288 -11.28 26.59 1.57
CA ASP B 288 -12.21 27.50 2.24
C ASP B 288 -11.45 28.67 2.86
N HIS B 289 -10.23 28.42 3.31
CA HIS B 289 -9.41 29.47 3.92
C HIS B 289 -8.69 30.31 2.88
N ILE B 290 -8.31 29.70 1.75
CA ILE B 290 -7.69 30.43 0.66
C ILE B 290 -8.69 31.43 0.09
N ARG B 291 -9.91 30.95 -0.16
CA ARG B 291 -10.97 31.78 -0.71
C ARG B 291 -11.79 32.43 0.40
N LYS B 292 -11.42 33.68 0.69
CA LYS B 292 -12.04 34.48 1.74
C LYS B 292 -13.38 35.06 1.31
N ASP B 293 -13.62 35.10 0.01
CA ASP B 293 -14.86 35.65 -0.54
C ASP B 293 -16.05 34.68 -0.45
N GLU B 294 -15.79 33.40 -0.20
CA GLU B 294 -16.88 32.48 0.07
C GLU B 294 -16.76 31.79 1.43
N LYS B 295 -17.91 31.71 2.10
CA LYS B 295 -18.10 31.01 3.36
C LYS B 295 -18.68 29.63 3.07
N ILE B 296 -17.82 28.62 2.97
CA ILE B 296 -18.25 27.26 2.65
C ILE B 296 -18.66 26.51 3.92
N GLU B 297 -19.89 26.03 3.95
CA GLU B 297 -20.37 25.22 5.06
C GLU B 297 -19.90 23.76 4.93
N GLU B 298 -19.31 23.24 5.99
CA GLU B 298 -18.86 21.85 6.00
C GLU B 298 -19.76 21.00 6.91
N ASN B 299 -20.89 20.54 6.37
CA ASN B 299 -21.84 19.75 7.16
C ASN B 299 -21.69 18.27 6.88
N VAL B 300 -21.05 17.58 7.82
CA VAL B 300 -20.78 16.15 7.72
C VAL B 300 -22.06 15.34 7.81
N ASP B 301 -23.02 15.79 8.60
CA ASP B 301 -24.28 15.08 8.71
C ASP B 301 -25.05 15.12 7.40
N ARG B 302 -24.95 16.21 6.67
CA ARG B 302 -25.64 16.34 5.39
C ARG B 302 -25.01 15.45 4.31
N VAL B 303 -23.70 15.28 4.38
CA VAL B 303 -22.99 14.40 3.46
C VAL B 303 -23.44 12.95 3.69
N HIS B 304 -23.69 12.61 4.95
CA HIS B 304 -24.24 11.28 5.26
C HIS B 304 -25.63 11.13 4.68
N LEU B 305 -26.47 12.15 4.87
CA LEU B 305 -27.85 12.15 4.36
C LEU B 305 -27.91 11.98 2.84
N VAL B 306 -27.26 12.88 2.10
CA VAL B 306 -27.21 12.80 0.65
C VAL B 306 -26.69 11.47 0.16
N THR B 307 -25.58 11.01 0.75
CA THR B 307 -25.00 9.73 0.37
C THR B 307 -25.94 8.58 0.71
N ALA B 308 -26.61 8.65 1.86
CA ALA B 308 -27.63 7.66 2.22
C ALA B 308 -28.72 7.57 1.15
N ILE B 309 -29.26 8.74 0.75
CA ILE B 309 -30.23 8.85 -0.35
C ILE B 309 -29.66 8.23 -1.63
N ARG B 310 -28.45 8.62 -2.01
CA ARG B 310 -27.87 8.10 -3.24
C ARG B 310 -27.80 6.57 -3.24
N ASN B 311 -27.41 5.97 -2.12
CA ASN B 311 -27.37 4.50 -2.04
C ASN B 311 -28.73 3.82 -2.05
N GLY B 312 -29.71 4.35 -1.31
CA GLY B 312 -31.04 3.76 -1.28
C GLY B 312 -31.67 3.79 -2.66
N PHE B 313 -31.50 4.94 -3.31
CA PHE B 313 -31.87 5.17 -4.70
C PHE B 313 -31.24 4.12 -5.63
N HIS B 314 -29.92 3.94 -5.53
CA HIS B 314 -29.20 2.90 -6.28
C HIS B 314 -29.72 1.49 -6.02
N ALA B 315 -29.84 1.14 -4.74
CA ALA B 315 -30.28 -0.19 -4.32
C ALA B 315 -31.50 -0.66 -5.10
N PHE B 316 -32.44 0.25 -5.34
CA PHE B 316 -33.69 -0.12 -6.00
C PHE B 316 -33.63 0.08 -7.50
N LEU B 317 -32.90 1.10 -7.95
CA LEU B 317 -32.98 1.48 -9.35
C LEU B 317 -31.73 1.17 -10.15
N ALA B 318 -30.60 0.97 -9.48
CA ALA B 318 -29.37 0.62 -10.18
C ALA B 318 -28.27 0.13 -9.24
N PRO B 319 -28.39 -1.11 -8.72
CA PRO B 319 -27.39 -1.63 -7.79
C PRO B 319 -25.96 -1.52 -8.31
N TRP B 320 -25.11 -0.92 -7.48
CA TRP B 320 -23.83 -0.41 -7.90
C TRP B 320 -22.66 -1.11 -7.19
N PRO B 321 -21.85 -1.87 -7.94
CA PRO B 321 -20.66 -2.53 -7.37
C PRO B 321 -19.70 -1.57 -6.69
N GLY B 322 -19.58 -0.33 -7.16
CA GLY B 322 -18.75 0.66 -6.48
C GLY B 322 -19.42 1.43 -5.34
N LEU B 323 -20.73 1.22 -5.20
CA LEU B 323 -21.57 1.91 -4.23
C LEU B 323 -21.56 3.42 -4.44
N ALA B 324 -22.41 4.12 -3.69
CA ALA B 324 -22.44 5.59 -3.73
C ALA B 324 -21.49 6.15 -2.66
N GLY B 325 -20.51 6.93 -3.12
CA GLY B 325 -19.53 7.50 -2.23
C GLY B 325 -19.53 9.02 -2.15
N PRO B 326 -19.11 9.56 -0.99
CA PRO B 326 -19.03 11.01 -0.73
C PRO B 326 -18.17 11.75 -1.75
N LEU B 327 -17.06 11.16 -2.19
CA LEU B 327 -16.32 11.80 -3.28
C LEU B 327 -15.67 10.90 -4.32
N TRP B 328 -15.47 11.52 -5.48
CA TRP B 328 -14.54 11.08 -6.52
C TRP B 328 -13.26 11.83 -6.22
N THR B 329 -12.30 11.14 -5.62
CA THR B 329 -11.15 11.80 -5.02
C THR B 329 -10.41 12.70 -6.02
N ALA B 330 -10.08 12.19 -7.21
CA ALA B 330 -9.35 13.00 -8.19
C ALA B 330 -10.19 14.13 -8.78
N ALA B 331 -11.48 13.90 -8.97
CA ALA B 331 -12.32 14.97 -9.52
C ALA B 331 -12.49 16.07 -8.48
N HIS B 332 -12.67 15.67 -7.22
CA HIS B 332 -12.81 16.61 -6.13
C HIS B 332 -11.53 17.42 -5.90
N ALA B 333 -10.39 16.75 -5.94
CA ALA B 333 -9.09 17.44 -5.85
C ALA B 333 -8.88 18.39 -7.05
N THR B 334 -9.28 17.95 -8.24
CA THR B 334 -9.10 18.77 -9.45
C THR B 334 -9.92 20.06 -9.40
N VAL B 335 -11.17 19.95 -8.97
CA VAL B 335 -12.03 21.13 -8.83
C VAL B 335 -11.49 22.05 -7.75
N ALA B 336 -11.12 21.47 -6.59
CA ALA B 336 -10.57 22.25 -5.48
C ALA B 336 -9.38 23.09 -5.92
N GLU B 337 -8.52 22.50 -6.73
CA GLU B 337 -7.35 23.19 -7.25
C GLU B 337 -7.74 24.38 -8.11
N ARG B 338 -8.71 24.17 -8.99
CA ARG B 338 -9.16 25.25 -9.86
C ARG B 338 -9.89 26.32 -9.04
N TYR B 339 -10.58 25.88 -8.00
CA TYR B 339 -11.29 26.78 -7.09
C TYR B 339 -10.33 27.70 -6.36
N ALA B 340 -9.23 27.15 -5.88
CA ALA B 340 -8.24 27.92 -5.15
C ALA B 340 -7.52 28.94 -6.03
N MET B 341 -7.72 28.84 -7.34
CA MET B 341 -7.04 29.74 -8.27
C MET B 341 -7.68 31.14 -8.35
N GLY B 342 -8.85 31.30 -7.73
CA GLY B 342 -9.50 32.59 -7.65
C GLY B 342 -10.82 32.73 -8.39
N ARG B 343 -11.56 33.80 -8.07
CA ARG B 343 -12.91 34.05 -8.59
C ARG B 343 -12.91 34.34 -10.09
N LYS B 344 -11.76 34.77 -10.61
CA LYS B 344 -11.62 35.00 -12.04
C LYS B 344 -11.79 33.66 -12.75
N SER B 345 -11.36 32.60 -12.06
CA SER B 345 -11.40 31.26 -12.60
C SER B 345 -12.72 30.55 -12.26
N MET B 346 -12.97 30.35 -10.97
CA MET B 346 -14.18 29.67 -10.51
C MET B 346 -14.93 30.52 -9.49
N GLU B 347 -16.19 30.83 -9.79
CA GLU B 347 -17.00 31.68 -8.93
C GLU B 347 -17.19 31.09 -7.52
N SER B 348 -17.71 29.87 -7.47
CA SER B 348 -17.99 29.20 -6.21
C SER B 348 -17.57 27.74 -6.28
N ILE B 349 -17.40 27.11 -5.12
CA ILE B 349 -17.07 25.69 -5.09
C ILE B 349 -18.22 24.87 -5.66
N TYR B 350 -19.43 25.41 -5.61
CA TYR B 350 -20.58 24.72 -6.17
C TYR B 350 -20.71 24.94 -7.66
N SER B 351 -20.19 26.06 -8.15
CA SER B 351 -20.21 26.31 -9.59
C SER B 351 -19.32 25.30 -10.31
N GLY B 352 -18.23 24.89 -9.66
CA GLY B 352 -17.37 23.88 -10.24
C GLY B 352 -17.90 22.47 -9.98
N GLY B 353 -18.24 22.20 -8.72
CA GLY B 353 -18.76 20.91 -8.34
C GLY B 353 -20.08 20.59 -9.02
N GLY B 354 -20.99 21.58 -9.02
CA GLY B 354 -22.29 21.43 -9.64
C GLY B 354 -22.29 21.27 -11.14
N THR B 355 -21.65 22.22 -11.83
CA THR B 355 -21.56 22.16 -13.29
C THR B 355 -20.98 20.84 -13.77
N PHE B 356 -19.91 20.39 -13.11
CA PHE B 356 -19.16 19.20 -13.53
C PHE B 356 -20.06 18.02 -13.81
N TRP B 357 -20.79 17.57 -12.80
CA TRP B 357 -21.66 16.41 -12.96
C TRP B 357 -22.91 16.73 -13.77
N MET B 358 -23.38 17.97 -13.70
CA MET B 358 -24.46 18.41 -14.58
C MET B 358 -24.08 18.09 -16.03
N SER B 359 -22.90 18.56 -16.44
CA SER B 359 -22.37 18.26 -17.77
C SER B 359 -22.16 16.76 -17.96
N GLY B 360 -21.79 16.07 -16.88
CA GLY B 360 -21.67 14.63 -16.93
C GLY B 360 -23.00 13.98 -17.31
N LEU B 361 -24.10 14.55 -16.84
CA LEU B 361 -25.42 13.97 -17.06
C LEU B 361 -25.85 14.13 -18.51
N LEU B 362 -25.73 15.35 -19.00
CA LEU B 362 -26.00 15.65 -20.40
C LEU B 362 -25.12 14.81 -21.33
N ALA B 363 -23.86 14.65 -20.95
CA ALA B 363 -22.89 13.95 -21.79
C ALA B 363 -23.32 12.53 -22.07
N LEU B 364 -24.06 11.94 -21.13
CA LEU B 364 -24.60 10.59 -21.29
C LEU B 364 -25.43 10.46 -22.57
N PHE B 365 -26.04 11.57 -22.99
CA PHE B 365 -26.93 11.59 -24.14
C PHE B 365 -26.18 11.81 -25.46
N ALA B 366 -24.89 12.10 -25.35
CA ALA B 366 -24.07 12.30 -26.54
C ALA B 366 -23.60 10.95 -27.05
N LEU B 367 -24.45 10.26 -27.81
CA LEU B 367 -24.14 8.91 -28.26
C LEU B 367 -22.74 8.73 -28.90
N PRO B 368 -22.26 9.71 -29.69
CA PRO B 368 -20.92 9.48 -30.23
C PRO B 368 -19.84 9.37 -29.16
N LEU B 369 -20.04 10.01 -28.00
CA LEU B 369 -19.08 9.95 -26.90
C LEU B 369 -19.19 8.62 -26.14
N VAL B 370 -20.42 8.23 -25.85
CA VAL B 370 -20.71 6.94 -25.23
C VAL B 370 -20.06 5.83 -26.04
N THR B 371 -20.32 5.85 -27.35
CA THR B 371 -19.79 4.82 -28.24
C THR B 371 -18.28 4.90 -28.44
N LEU B 372 -17.71 6.09 -28.27
CA LEU B 372 -16.26 6.29 -28.42
C LEU B 372 -15.52 5.72 -27.22
N PHE B 373 -16.07 5.96 -26.04
CA PHE B 373 -15.45 5.55 -24.79
C PHE B 373 -15.66 4.06 -24.49
N LYS B 374 -16.63 3.46 -25.19
CA LYS B 374 -17.02 2.08 -24.93
C LYS B 374 -15.84 1.10 -24.96
N PRO B 375 -14.97 1.16 -25.98
CA PRO B 375 -13.92 0.15 -25.94
C PRO B 375 -12.79 0.43 -24.96
N VAL B 376 -12.80 1.56 -24.24
CA VAL B 376 -11.67 1.89 -23.36
C VAL B 376 -12.10 2.09 -21.92
N LEU B 377 -13.37 1.83 -21.63
CA LEU B 377 -13.89 1.88 -20.27
C LEU B 377 -12.92 1.26 -19.22
N PRO B 378 -12.25 0.14 -19.53
CA PRO B 378 -11.24 -0.35 -18.59
C PRO B 378 -10.13 0.60 -18.20
N ILE B 379 -9.71 1.47 -19.09
CA ILE B 379 -8.66 2.41 -18.74
C ILE B 379 -9.19 3.34 -17.66
N ALA B 380 -10.41 3.82 -17.86
CA ALA B 380 -11.02 4.75 -16.91
C ALA B 380 -11.22 4.09 -15.54
N LEU B 381 -11.62 2.81 -15.52
CA LEU B 381 -11.85 2.14 -14.24
C LEU B 381 -10.59 1.96 -13.40
N SER B 382 -9.49 1.55 -14.02
CA SER B 382 -8.27 1.28 -13.26
C SER B 382 -7.61 2.59 -12.87
N LEU B 383 -7.90 3.64 -13.63
CA LEU B 383 -7.26 4.90 -13.43
C LEU B 383 -7.80 5.57 -12.14
N THR B 384 -9.12 5.59 -12.00
CA THR B 384 -9.73 6.15 -10.81
C THR B 384 -9.21 5.41 -9.57
N LEU B 385 -9.07 4.09 -9.67
CA LEU B 385 -8.44 3.35 -8.59
C LEU B 385 -7.01 3.82 -8.26
N VAL B 386 -6.12 3.89 -9.26
CA VAL B 386 -4.74 4.36 -9.09
C VAL B 386 -4.68 5.78 -8.53
N LEU B 387 -5.45 6.69 -9.13
CA LEU B 387 -5.45 8.10 -8.69
C LEU B 387 -5.97 8.29 -7.28
N THR B 388 -6.96 7.49 -6.88
CA THR B 388 -7.46 7.54 -5.51
C THR B 388 -6.39 7.12 -4.53
N ALA B 389 -5.76 6.00 -4.83
CA ALA B 389 -4.68 5.45 -4.01
C ALA B 389 -3.62 6.52 -3.80
N TYR B 390 -3.26 7.22 -4.87
CA TYR B 390 -2.29 8.30 -4.81
C TYR B 390 -2.71 9.43 -3.86
N ILE B 391 -3.87 10.03 -4.08
CA ILE B 391 -4.32 11.14 -3.25
C ILE B 391 -4.54 10.73 -1.79
N CYS B 392 -5.14 9.56 -1.55
CA CYS B 392 -5.31 9.10 -0.16
C CYS B 392 -3.99 8.92 0.58
N ILE B 393 -3.01 8.28 -0.06
CA ILE B 393 -1.71 8.07 0.55
C ILE B 393 -1.07 9.43 0.82
N MET B 394 -1.14 10.31 -0.15
CA MET B 394 -0.54 11.63 -0.02
C MET B 394 -1.19 12.41 1.12
N VAL B 395 -2.52 12.46 1.15
CA VAL B 395 -3.24 13.19 2.19
C VAL B 395 -3.07 12.53 3.57
N GLY B 396 -3.27 11.22 3.64
CA GLY B 396 -3.08 10.49 4.88
C GLY B 396 -1.73 10.73 5.54
N MET B 397 -0.66 10.64 4.73
CA MET B 397 0.70 10.89 5.21
C MET B 397 0.84 12.29 5.81
N GLU B 398 0.43 13.31 5.06
CA GLU B 398 0.65 14.70 5.48
C GLU B 398 -0.12 15.02 6.76
N GLN B 399 -1.26 14.36 6.95
CA GLN B 399 -2.10 14.62 8.12
C GLN B 399 -1.54 14.07 9.43
N LEU B 400 -0.48 13.26 9.33
CA LEU B 400 0.19 12.71 10.52
C LEU B 400 1.07 13.78 11.17
N LYS B 401 0.88 13.97 12.47
CA LYS B 401 1.52 15.08 13.16
C LYS B 401 2.80 14.69 13.91
N ASN B 402 2.78 13.59 14.66
CA ASN B 402 4.00 13.12 15.30
C ASN B 402 4.32 11.67 14.90
N SER B 403 5.25 11.04 15.61
CA SER B 403 5.71 9.69 15.26
C SER B 403 4.97 8.58 16.01
N THR B 404 4.19 8.93 17.02
CA THR B 404 3.37 7.95 17.72
C THR B 404 2.10 7.70 16.90
N GLU B 405 1.65 8.75 16.22
CA GLU B 405 0.52 8.65 15.31
C GLU B 405 0.87 7.79 14.10
N ARG B 406 2.10 7.94 13.63
CA ARG B 406 2.54 7.20 12.46
C ARG B 406 2.72 5.73 12.81
N GLY B 407 3.15 5.44 14.03
CA GLY B 407 3.35 4.08 14.47
C GLY B 407 2.04 3.33 14.53
N VAL B 408 0.98 4.08 14.87
CA VAL B 408 -0.37 3.55 14.96
C VAL B 408 -1.03 3.45 13.59
N ALA B 409 -0.95 4.52 12.81
CA ALA B 409 -1.55 4.56 11.49
C ALA B 409 -1.03 3.42 10.60
N GLY B 410 0.26 3.11 10.73
CA GLY B 410 0.87 2.00 10.03
C GLY B 410 0.17 0.68 10.32
N ILE B 411 -0.04 0.37 11.59
CA ILE B 411 -0.81 -0.82 11.96
C ILE B 411 -2.22 -0.74 11.38
N VAL B 412 -2.89 0.40 11.49
CA VAL B 412 -4.26 0.52 10.99
C VAL B 412 -4.33 0.40 9.47
N ALA B 413 -3.41 1.04 8.74
CA ALA B 413 -3.44 0.99 7.28
C ALA B 413 -3.25 -0.44 6.77
N VAL B 414 -2.27 -1.13 7.33
CA VAL B 414 -1.96 -2.50 6.92
C VAL B 414 -3.16 -3.44 7.08
N THR B 415 -3.92 -3.31 8.16
CA THR B 415 -5.04 -4.22 8.39
C THR B 415 -6.22 -3.89 7.51
N LEU B 416 -6.38 -2.62 7.20
CA LEU B 416 -7.46 -2.17 6.32
C LEU B 416 -7.14 -2.44 4.82
N ALA B 417 -5.97 -2.98 4.52
CA ALA B 417 -5.62 -3.27 3.14
C ALA B 417 -5.53 -4.77 2.88
N MET B 418 -5.81 -5.58 3.91
CA MET B 418 -6.07 -7.00 3.72
C MET B 418 -7.53 -7.13 3.31
N PRO B 419 -7.82 -7.82 2.18
CA PRO B 419 -9.09 -7.58 1.47
C PRO B 419 -10.32 -8.20 2.15
N ASP B 420 -10.13 -9.31 2.84
CA ASP B 420 -11.20 -9.92 3.61
C ASP B 420 -11.62 -9.01 4.77
N PRO B 421 -12.89 -8.57 4.77
CA PRO B 421 -13.35 -7.61 5.79
C PRO B 421 -13.65 -8.23 7.15
N LYS B 422 -13.97 -9.53 7.15
CA LYS B 422 -14.14 -10.26 8.40
C LYS B 422 -12.84 -10.20 9.16
N SER B 423 -11.74 -10.22 8.40
CA SER B 423 -10.41 -10.19 8.96
C SER B 423 -10.06 -8.80 9.48
N THR B 424 -10.59 -7.77 8.85
CA THR B 424 -10.33 -6.42 9.32
C THR B 424 -11.01 -6.24 10.68
N MET B 425 -12.16 -6.89 10.82
CA MET B 425 -12.91 -6.74 12.06
C MET B 425 -12.28 -7.58 13.12
N TYR B 426 -11.75 -8.74 12.73
CA TYR B 426 -10.99 -9.58 13.65
C TYR B 426 -9.75 -8.87 14.17
N ALA B 427 -9.20 -7.95 13.37
CA ALA B 427 -8.05 -7.15 13.79
C ALA B 427 -8.46 -6.10 14.82
N VAL B 428 -9.50 -5.35 14.49
CA VAL B 428 -10.01 -4.28 15.34
C VAL B 428 -10.43 -4.87 16.69
N CYS B 429 -11.03 -6.06 16.61
CA CYS B 429 -11.41 -6.83 17.77
C CYS B 429 -10.20 -7.17 18.64
N ILE B 430 -9.23 -7.86 18.05
CA ILE B 430 -7.98 -8.23 18.75
C ILE B 430 -7.21 -6.99 19.19
N GLY B 431 -7.28 -5.92 18.41
CA GLY B 431 -6.66 -4.67 18.76
C GLY B 431 -7.23 -4.12 20.04
N VAL B 432 -8.54 -4.26 20.21
CA VAL B 432 -9.19 -3.83 21.45
C VAL B 432 -8.70 -4.67 22.62
N ILE B 433 -8.81 -5.99 22.51
CA ILE B 433 -8.43 -6.91 23.57
C ILE B 433 -7.01 -6.62 24.05
N LEU B 434 -6.12 -6.44 23.09
CA LEU B 434 -4.73 -6.12 23.37
C LEU B 434 -4.60 -4.75 24.04
N TYR B 435 -5.38 -3.79 23.57
CA TYR B 435 -5.38 -2.44 24.13
C TYR B 435 -5.80 -2.45 25.61
N PHE B 436 -6.89 -3.15 25.92
CA PHE B 436 -7.42 -3.22 27.28
C PHE B 436 -6.49 -3.92 28.28
N LEU B 437 -5.95 -5.06 27.91
CA LEU B 437 -5.15 -5.86 28.83
C LEU B 437 -3.73 -5.31 28.96
N ILE B 438 -3.27 -4.58 27.95
CA ILE B 438 -1.89 -4.15 27.95
C ILE B 438 -1.75 -2.63 27.92
N GLU B 439 -2.40 -2.01 26.95
CA GLU B 439 -2.21 -0.59 26.70
C GLU B 439 -2.87 0.30 27.75
N ARG B 440 -4.09 -0.03 28.14
CA ARG B 440 -4.78 0.79 29.15
C ARG B 440 -3.98 0.85 30.44
N PRO B 441 -3.49 -0.29 30.96
CA PRO B 441 -2.60 -0.17 32.14
C PRO B 441 -1.23 0.43 31.83
N ARG B 442 -0.96 0.71 30.56
CA ARG B 442 0.33 1.28 30.14
C ARG B 442 1.49 0.36 30.53
N LEU B 443 1.24 -0.95 30.55
CA LEU B 443 2.29 -1.92 30.88
C LEU B 443 3.50 -1.85 29.94
N MET B 444 3.29 -1.37 28.72
CA MET B 444 4.37 -1.29 27.77
C MET B 444 4.81 0.17 27.66
N GLY B 445 4.38 0.94 28.66
CA GLY B 445 4.75 2.34 28.78
C GLY B 445 3.87 3.33 28.04
N LYS B 446 4.16 4.61 28.27
CA LYS B 446 3.52 5.70 27.55
C LYS B 446 4.33 5.90 26.29
N HIS B 447 3.74 6.46 25.25
CA HIS B 447 4.49 6.63 24.02
C HIS B 447 4.54 8.11 23.62
N ASN B 448 5.68 8.73 23.88
CA ASN B 448 5.87 10.15 23.58
C ASN B 448 6.77 10.29 22.36
N SER B 449 6.28 10.98 21.34
CA SER B 449 6.98 11.12 20.06
C SER B 449 8.42 11.60 20.22
N GLU B 450 8.66 12.43 21.22
CA GLU B 450 10.00 12.94 21.52
C GLU B 450 10.91 11.85 22.13
N ASP B 451 10.29 10.82 22.68
CA ASP B 451 11.00 9.66 23.23
C ASP B 451 11.40 8.63 22.16
N ASN B 452 10.74 8.69 21.00
CA ASN B 452 10.99 7.69 19.97
C ASN B 452 12.35 7.84 19.33
N ILE B 453 13.21 6.84 19.55
CA ILE B 453 14.59 6.92 19.10
C ILE B 453 14.90 6.00 17.91
N ILE B 454 14.01 5.06 17.60
CA ILE B 454 14.29 4.12 16.52
C ILE B 454 13.63 4.47 15.18
N PHE B 455 12.34 4.77 15.19
CA PHE B 455 11.63 5.04 13.94
C PHE B 455 11.57 6.52 13.58
N ALA B 456 11.91 7.39 14.54
CA ALA B 456 11.92 8.83 14.33
C ALA B 456 13.22 9.46 14.81
N ASP B 457 13.45 10.70 14.39
CA ASP B 457 14.59 11.51 14.85
C ASP B 457 15.87 11.02 14.19
N9 GUN C . 13.54 -12.13 4.97
C8 GUN C . 12.84 -12.61 6.03
N7 GUN C . 12.13 -11.61 6.60
C5 GUN C . 12.37 -10.47 5.93
C6 GUN C . 11.96 -9.04 6.02
O6 GUN C . 11.17 -8.62 6.91
N1 GUN C . 12.43 -8.17 5.11
C2 GUN C . 13.28 -8.55 4.13
N2 GUN C . 13.70 -7.59 3.26
N3 GUN C . 13.70 -9.84 4.01
C4 GUN C . 13.31 -10.82 4.85
N9 GUN D . -15.69 7.21 -8.19
C8 GUN D . -15.01 7.39 -9.36
N7 GUN D . -13.72 7.70 -9.08
C5 GUN D . -13.56 7.74 -7.75
C6 GUN D . -12.43 8.03 -6.80
O6 GUN D . -11.27 8.33 -7.22
N1 GUN D . -12.67 7.95 -5.48
C2 GUN D . -13.88 7.64 -4.99
N2 GUN D . -14.03 7.58 -3.65
N3 GUN D . -14.94 7.37 -5.81
C4 GUN D . -14.86 7.42 -7.16
#